data_8HHD
#
_entry.id   8HHD
#
_cell.length_a   76.509
_cell.length_b   76.509
_cell.length_c   97.935
_cell.angle_alpha   90.00
_cell.angle_beta   90.00
_cell.angle_gamma   120.00
#
_symmetry.space_group_name_H-M   'P 31'
#
loop_
_entity.id
_entity.type
_entity.pdbx_description
1 polymer 'Nucleotidyl transferase'
2 non-polymer 'SULFATE ION'
3 non-polymer '4-(2-HYDROXYETHYL)-1-PIPERAZINE ETHANESULFONIC ACID'
4 water water
#
_entity_poly.entity_id   1
_entity_poly.type   'polypeptide(L)'
_entity_poly.pdbx_seq_one_letter_code
;(MSE)HHHHHHEFSQQDSD(MSE)KA(MSE)ILAAGRGER(MSE)RPTTLHTPKPLIEAAGVPLIERQLLALRQAGVDDW
VINHAWLGEQIEAYLGDGSRLGGRIAYSPEGEPLETGGGIFRALPLLGEQPFLLLNGDVWSDFDYSRLHLADGDLAHLVL
VDNPAHHPAGDFHLDAGGRVGETREAGGNLTYSGIAVLHPALFEGCQPGAFKLAPLLRKAIAAGRVSGEHHRGQWVDVGT
HERLAEVERLLAEHA
;
_entity_poly.pdbx_strand_id   A,B,C
#
loop_
_chem_comp.id
_chem_comp.type
_chem_comp.name
_chem_comp.formula
EPE non-polymer '4-(2-HYDROXYETHYL)-1-PIPERAZINE ETHANESULFONIC ACID' 'C8 H18 N2 O4 S'
SO4 non-polymer 'SULFATE ION' 'O4 S -2'
#
# COMPACT_ATOMS: atom_id res chain seq x y z
N ASP A 15 25.89 27.56 -9.88
CA ASP A 15 25.67 28.95 -9.39
C ASP A 15 24.21 29.10 -8.94
N MSE A 16 23.33 28.25 -9.47
CA MSE A 16 21.90 28.32 -9.11
C MSE A 16 21.67 27.88 -7.67
O MSE A 16 22.27 26.88 -7.25
CB MSE A 16 20.95 27.70 -10.12
CG MSE A 16 19.55 27.56 -9.64
SE MSE A 16 18.78 26.62 -11.14
CE MSE A 16 19.44 27.52 -12.75
N LYS A 17 20.82 28.61 -6.99
CA LYS A 17 20.47 28.27 -5.61
C LYS A 17 19.28 27.32 -5.60
N ALA A 18 19.17 26.54 -4.55
CA ALA A 18 17.98 25.70 -4.37
C ALA A 18 17.29 26.04 -3.07
N MSE A 19 15.97 25.92 -3.07
CA MSE A 19 15.18 26.11 -1.85
C MSE A 19 14.47 24.80 -1.50
O MSE A 19 13.75 24.29 -2.36
CB MSE A 19 14.13 27.17 -2.10
CG MSE A 19 13.26 27.45 -0.91
SE MSE A 19 12.14 29.01 -1.22
CE MSE A 19 10.89 29.20 0.28
N ILE A 20 14.72 24.26 -0.31
CA ILE A 20 13.87 23.13 0.17
C ILE A 20 12.73 23.83 0.91
N LEU A 21 11.50 23.60 0.50
CA LEU A 21 10.34 24.34 0.95
C LEU A 21 9.74 23.46 2.05
N ALA A 22 9.38 24.06 3.17
CA ALA A 22 8.93 23.45 4.46
C ALA A 22 7.97 22.24 4.38
N ALA A 23 6.77 22.44 3.83
CA ALA A 23 5.69 21.43 3.60
C ALA A 23 4.79 21.17 4.81
N GLY A 24 4.92 21.89 5.91
CA GLY A 24 3.91 21.67 6.95
C GLY A 24 4.26 20.84 8.15
N ARG A 25 3.29 20.71 9.03
CA ARG A 25 3.51 20.05 10.35
C ARG A 25 3.47 18.54 10.33
N GLY A 26 3.09 17.89 9.24
CA GLY A 26 3.07 16.44 9.25
C GLY A 26 2.00 15.83 10.13
N GLU A 27 0.78 16.36 10.06
CA GLU A 27 -0.32 15.86 10.86
C GLU A 27 -0.64 14.41 10.54
N ARG A 28 -0.68 14.06 9.25
CA ARG A 28 -0.95 12.67 8.89
C ARG A 28 0.13 11.71 9.38
N MSE A 29 1.25 12.22 9.89
CA MSE A 29 2.32 11.33 10.35
C MSE A 29 2.59 11.39 11.86
O MSE A 29 3.67 11.03 12.31
CB MSE A 29 3.61 11.64 9.57
CG MSE A 29 3.63 10.92 8.23
SE MSE A 29 5.15 11.33 7.11
CE MSE A 29 6.37 9.91 7.71
N ARG A 30 1.60 11.86 12.62
CA ARG A 30 1.66 11.70 14.07
C ARG A 30 1.62 10.20 14.42
N PRO A 31 2.07 9.83 15.64
CA PRO A 31 2.65 10.67 16.69
C PRO A 31 4.11 11.09 16.44
N THR A 32 4.74 10.54 15.41
CA THR A 32 6.16 10.79 15.14
C THR A 32 6.46 12.29 15.05
N THR A 33 5.65 13.01 14.29
CA THR A 33 5.89 14.44 14.10
C THR A 33 5.63 15.28 15.33
N LEU A 34 5.25 14.67 16.46
CA LEU A 34 5.16 15.44 17.70
C LEU A 34 6.55 15.76 18.24
N HIS A 35 7.51 14.85 18.09
CA HIS A 35 8.85 15.02 18.62
C HIS A 35 9.93 15.16 17.56
N THR A 36 9.62 14.91 16.28
CA THR A 36 10.59 14.96 15.19
C THR A 36 9.87 15.55 13.97
N PRO A 37 10.27 16.72 13.49
CA PRO A 37 9.62 17.24 12.27
C PRO A 37 9.89 16.32 11.10
N LYS A 38 8.98 16.35 10.13
CA LYS A 38 9.06 15.50 8.94
C LYS A 38 10.42 15.52 8.25
N PRO A 39 11.04 16.67 7.97
CA PRO A 39 12.33 16.65 7.26
C PRO A 39 13.39 15.80 7.93
N LEU A 40 13.32 15.61 9.24
CA LEU A 40 14.33 14.85 9.96
C LEU A 40 13.91 13.41 10.19
N ILE A 41 12.71 13.04 9.78
CA ILE A 41 12.35 11.63 9.82
C ILE A 41 13.27 10.87 8.88
N GLU A 42 13.84 9.78 9.39
CA GLU A 42 14.85 9.04 8.65
C GLU A 42 14.22 8.20 7.56
N ALA A 43 14.87 8.21 6.40
CA ALA A 43 14.59 7.26 5.31
C ALA A 43 15.82 6.36 5.19
N ALA A 44 15.67 5.10 5.59
CA ALA A 44 16.78 4.14 5.64
C ALA A 44 17.97 4.71 6.41
N GLY A 45 17.66 5.32 7.56
CA GLY A 45 18.69 5.74 8.50
C GLY A 45 19.29 7.11 8.26
N VAL A 46 18.84 7.84 7.24
CA VAL A 46 19.34 9.17 6.96
C VAL A 46 18.14 10.11 6.87
N PRO A 47 18.15 11.24 7.60
CA PRO A 47 17.03 12.19 7.52
C PRO A 47 16.68 12.55 6.08
N LEU A 48 15.38 12.57 5.79
CA LEU A 48 14.90 12.91 4.45
C LEU A 48 15.53 14.19 3.93
N ILE A 49 15.61 15.24 4.75
CA ILE A 49 16.13 16.50 4.20
C ILE A 49 17.63 16.39 3.92
N GLU A 50 18.36 15.57 4.68
CA GLU A 50 19.76 15.37 4.36
C GLU A 50 19.93 14.71 3.00
N ARG A 51 19.10 13.69 2.71
CA ARG A 51 19.12 13.05 1.40
C ARG A 51 18.78 14.01 0.27
N GLN A 52 17.84 14.93 0.49
CA GLN A 52 17.51 15.91 -0.55
C GLN A 52 18.67 16.83 -0.84
N LEU A 53 19.29 17.39 0.21
CA LEU A 53 20.46 18.24 0.02
C LEU A 53 21.58 17.50 -0.73
N LEU A 54 21.78 16.22 -0.42
CA LEU A 54 22.81 15.46 -1.11
C LEU A 54 22.41 15.14 -2.56
N ALA A 55 21.11 14.96 -2.81
CA ALA A 55 20.67 14.82 -4.20
C ALA A 55 20.91 16.10 -4.97
N LEU A 56 20.69 17.26 -4.33
CA LEU A 56 21.00 18.52 -4.99
C LEU A 56 22.51 18.66 -5.19
N ARG A 57 23.31 18.32 -4.17
CA ARG A 57 24.77 18.40 -4.29
C ARG A 57 25.31 17.61 -5.49
N GLN A 58 24.79 16.39 -5.71
CA GLN A 58 25.28 15.62 -6.84
C GLN A 58 24.79 16.19 -8.18
N ALA A 59 23.92 17.19 -8.13
CA ALA A 59 23.49 17.92 -9.31
C ALA A 59 24.29 19.20 -9.51
N GLY A 60 25.28 19.48 -8.67
CA GLY A 60 26.06 20.69 -8.76
C GLY A 60 25.48 21.89 -8.03
N VAL A 61 24.48 21.70 -7.18
CA VAL A 61 23.81 22.79 -6.47
C VAL A 61 24.16 22.65 -4.99
N ASP A 62 25.03 23.52 -4.48
CA ASP A 62 25.38 23.47 -3.07
C ASP A 62 25.02 24.76 -2.32
N ASP A 63 24.17 25.58 -2.92
CA ASP A 63 23.74 26.84 -2.32
C ASP A 63 22.27 26.67 -1.97
N TRP A 64 21.97 26.54 -0.68
CA TRP A 64 20.69 26.02 -0.21
C TRP A 64 19.98 27.02 0.70
N VAL A 65 18.67 27.14 0.51
CA VAL A 65 17.80 27.95 1.36
C VAL A 65 16.73 27.02 1.95
N ILE A 66 16.53 27.10 3.27
CA ILE A 66 15.63 26.20 3.97
C ILE A 66 14.75 27.02 4.90
N ASN A 67 13.45 26.95 4.71
CA ASN A 67 12.51 27.56 5.65
C ASN A 67 11.96 26.47 6.56
N HIS A 68 11.60 26.87 7.77
CA HIS A 68 11.00 25.95 8.76
C HIS A 68 10.05 26.63 9.74
N ALA A 69 9.04 25.90 10.16
CA ALA A 69 8.00 26.37 11.10
C ALA A 69 7.79 25.39 12.25
N TRP A 70 7.49 24.15 11.96
CA TRP A 70 7.29 23.15 13.03
C TRP A 70 8.63 22.64 13.57
N LEU A 71 8.94 22.93 14.82
CA LEU A 71 10.14 22.38 15.45
C LEU A 71 11.39 22.67 14.64
N GLY A 72 11.46 23.88 14.07
CA GLY A 72 12.57 24.25 13.21
C GLY A 72 13.91 24.30 13.91
N GLU A 73 13.93 24.50 15.24
CA GLU A 73 15.21 24.49 15.94
C GLU A 73 15.94 23.16 15.81
N GLN A 74 15.21 22.05 15.65
CA GLN A 74 15.89 20.76 15.43
C GLN A 74 16.51 20.67 14.04
N ILE A 75 15.88 21.26 13.03
CA ILE A 75 16.45 21.22 11.69
C ILE A 75 17.78 21.97 11.65
N GLU A 76 17.77 23.22 12.14
CA GLU A 76 19.02 23.98 12.22
C GLU A 76 20.06 23.23 13.04
N ALA A 77 19.64 22.60 14.14
CA ALA A 77 20.61 21.97 15.01
C ALA A 77 21.27 20.80 14.30
N TYR A 78 20.48 20.03 13.54
CA TYR A 78 21.04 18.89 12.84
C TYR A 78 21.85 19.31 11.62
N LEU A 79 21.37 20.26 10.82
CA LEU A 79 22.07 20.59 9.59
C LEU A 79 23.17 21.62 9.78
N GLY A 80 23.03 22.53 10.75
CA GLY A 80 24.01 23.59 10.88
C GLY A 80 24.09 24.45 9.63
N ASP A 81 25.29 24.98 9.36
CA ASP A 81 25.45 25.87 8.22
C ASP A 81 25.64 25.13 6.91
N GLY A 82 25.60 23.79 6.90
CA GLY A 82 25.70 23.01 5.69
C GLY A 82 27.11 22.59 5.30
N SER A 83 28.14 23.04 6.01
CA SER A 83 29.51 22.68 5.66
C SER A 83 29.71 21.17 5.75
N ARG A 84 29.16 20.55 6.80
CA ARG A 84 29.26 19.10 6.93
C ARG A 84 28.73 18.36 5.70
N LEU A 85 27.84 18.97 4.93
CA LEU A 85 27.34 18.33 3.72
C LEU A 85 27.99 18.86 2.45
N GLY A 86 28.95 19.79 2.56
CA GLY A 86 29.61 20.33 1.39
C GLY A 86 28.94 21.54 0.77
N GLY A 87 27.97 22.15 1.44
CA GLY A 87 27.36 23.36 0.89
C GLY A 87 27.21 24.45 1.95
N ARG A 88 26.36 25.44 1.68
CA ARG A 88 26.02 26.42 2.69
C ARG A 88 24.50 26.61 2.73
N ILE A 89 23.98 26.75 3.95
CA ILE A 89 22.55 26.88 4.18
C ILE A 89 22.25 28.26 4.76
N ALA A 90 21.27 28.94 4.18
CA ALA A 90 20.64 30.09 4.80
C ALA A 90 19.24 29.68 5.25
N TYR A 91 18.92 29.94 6.51
CA TYR A 91 17.61 29.57 7.05
C TYR A 91 16.60 30.72 6.93
N SER A 92 15.35 30.38 6.67
CA SER A 92 14.24 31.33 6.74
C SER A 92 13.26 30.84 7.82
N PRO A 93 13.55 31.10 9.08
CA PRO A 93 12.62 30.66 10.13
C PRO A 93 11.31 31.40 10.05
N GLU A 94 10.23 30.70 10.39
CA GLU A 94 8.88 31.24 10.40
C GLU A 94 8.28 31.02 11.78
N GLY A 95 7.66 32.06 12.34
CA GLY A 95 6.91 31.89 13.56
C GLY A 95 5.78 30.90 13.36
N GLU A 96 4.79 31.32 12.66
CA GLU A 96 3.65 30.58 12.15
C GLU A 96 3.89 30.22 10.69
N PRO A 97 3.36 29.08 10.22
CA PRO A 97 3.68 28.64 8.87
C PRO A 97 3.15 29.59 7.81
N LEU A 98 4.02 29.97 6.93
CA LEU A 98 3.55 30.58 5.69
C LEU A 98 3.10 29.38 4.83
N GLU A 99 2.50 29.68 3.67
CA GLU A 99 2.05 28.62 2.72
C GLU A 99 3.18 28.33 1.72
N THR A 100 2.94 27.42 0.77
CA THR A 100 3.96 27.07 -0.24
C THR A 100 4.45 28.35 -0.93
N GLY A 101 3.55 29.31 -1.14
CA GLY A 101 3.86 30.59 -1.76
C GLY A 101 4.51 31.58 -0.80
N GLY A 102 3.92 31.77 0.36
CA GLY A 102 4.45 32.72 1.31
C GLY A 102 5.78 32.29 1.88
N GLY A 103 5.99 30.98 2.01
CA GLY A 103 7.29 30.48 2.44
C GLY A 103 8.40 30.89 1.50
N ILE A 104 8.17 30.75 0.19
CA ILE A 104 9.17 31.15 -0.81
C ILE A 104 9.35 32.66 -0.79
N PHE A 105 8.24 33.40 -0.80
CA PHE A 105 8.28 34.87 -0.83
C PHE A 105 9.09 35.41 0.33
N ARG A 106 8.77 34.98 1.55
CA ARG A 106 9.57 35.36 2.73
C ARG A 106 11.06 35.14 2.47
N ALA A 107 11.43 34.03 1.82
CA ALA A 107 12.84 33.68 1.59
C ALA A 107 13.47 34.33 0.36
N LEU A 108 12.71 35.02 -0.49
CA LEU A 108 13.26 35.58 -1.74
C LEU A 108 14.52 36.43 -1.59
N PRO A 109 14.72 37.20 -0.50
CA PRO A 109 16.01 37.91 -0.37
C PRO A 109 17.19 36.98 -0.24
N LEU A 110 16.99 35.81 0.38
CA LEU A 110 18.06 34.82 0.47
C LEU A 110 18.40 34.24 -0.89
N LEU A 111 17.42 34.22 -1.80
CA LEU A 111 17.61 33.65 -3.13
C LEU A 111 18.16 34.65 -4.13
N GLY A 112 17.82 35.92 -4.00
CA GLY A 112 18.36 36.91 -4.91
C GLY A 112 17.70 36.87 -6.28
N GLU A 113 18.45 37.30 -7.29
CA GLU A 113 17.89 37.76 -8.56
C GLU A 113 17.63 36.64 -9.57
N GLN A 114 18.42 35.54 -9.54
CA GLN A 114 18.37 34.52 -10.59
C GLN A 114 17.26 33.51 -10.35
N PRO A 115 16.77 32.87 -11.41
CA PRO A 115 15.88 31.71 -11.22
C PRO A 115 16.52 30.69 -10.29
N PHE A 116 15.68 30.03 -9.48
CA PHE A 116 16.17 29.13 -8.46
C PHE A 116 15.44 27.80 -8.54
N LEU A 117 16.08 26.76 -8.03
CA LEU A 117 15.46 25.45 -7.94
C LEU A 117 14.55 25.42 -6.72
N LEU A 118 13.41 24.76 -6.88
CA LEU A 118 12.43 24.60 -5.82
C LEU A 118 12.19 23.11 -5.64
N LEU A 119 12.31 22.64 -4.41
CA LEU A 119 12.05 21.23 -4.11
C LEU A 119 11.20 21.19 -2.86
N ASN A 120 9.98 20.69 -2.99
CA ASN A 120 9.10 20.53 -1.84
C ASN A 120 9.71 19.55 -0.85
N GLY A 121 9.72 19.94 0.43
CA GLY A 121 10.46 19.18 1.42
C GLY A 121 9.91 17.81 1.73
N ASP A 122 8.70 17.48 1.29
CA ASP A 122 8.20 16.13 1.48
C ASP A 122 8.23 15.30 0.18
N VAL A 123 9.12 15.62 -0.76
CA VAL A 123 9.21 14.91 -2.02
C VAL A 123 10.47 14.05 -2.03
N TRP A 124 10.35 12.84 -2.59
CA TRP A 124 11.52 12.08 -3.01
C TRP A 124 11.32 11.60 -4.43
N SER A 125 12.38 11.71 -5.23
CA SER A 125 12.31 11.20 -6.59
C SER A 125 13.72 10.88 -7.09
N ASP A 126 13.76 10.12 -8.17
CA ASP A 126 15.01 9.83 -8.85
C ASP A 126 15.31 10.81 -9.98
N PHE A 127 14.57 11.92 -10.04
CA PHE A 127 14.70 12.91 -11.12
C PHE A 127 16.09 13.53 -11.15
N ASP A 128 16.58 13.80 -12.36
CA ASP A 128 17.90 14.40 -12.56
C ASP A 128 17.78 15.92 -12.49
N TYR A 129 17.95 16.45 -11.27
CA TYR A 129 17.73 17.87 -11.02
C TYR A 129 18.57 18.77 -11.91
N SER A 130 19.73 18.28 -12.37
CA SER A 130 20.62 19.10 -13.19
C SER A 130 20.00 19.45 -14.53
N ARG A 131 19.00 18.71 -14.98
CA ARG A 131 18.39 19.03 -16.26
C ARG A 131 17.41 20.21 -16.18
N LEU A 132 17.20 20.73 -14.98
CA LEU A 132 16.26 21.84 -14.81
C LEU A 132 16.77 23.11 -15.47
N HIS A 133 15.89 23.76 -16.22
CA HIS A 133 16.26 24.96 -16.96
C HIS A 133 15.01 25.78 -17.27
N LEU A 134 15.07 27.08 -16.96
CA LEU A 134 13.98 28.01 -17.22
C LEU A 134 14.35 28.85 -18.44
N ALA A 135 13.58 28.73 -19.51
CA ALA A 135 13.79 29.59 -20.68
C ALA A 135 13.48 31.05 -20.36
N ASP A 136 14.18 31.95 -21.06
CA ASP A 136 13.94 33.37 -20.87
C ASP A 136 12.53 33.73 -21.31
N GLY A 137 11.90 34.62 -20.54
CA GLY A 137 10.52 34.98 -20.74
C GLY A 137 9.53 34.15 -19.92
N ASP A 138 9.86 32.91 -19.59
CA ASP A 138 8.99 32.10 -18.75
C ASP A 138 9.24 32.43 -17.29
N LEU A 139 8.20 32.26 -16.47
CA LEU A 139 8.29 32.52 -15.04
C LEU A 139 8.50 31.27 -14.21
N ALA A 140 8.16 30.10 -14.75
CA ALA A 140 8.22 28.85 -13.99
C ALA A 140 8.38 27.70 -14.95
N HIS A 141 9.15 26.69 -14.52
CA HIS A 141 9.23 25.39 -15.19
C HIS A 141 8.90 24.32 -14.16
N LEU A 142 7.92 23.47 -14.46
CA LEU A 142 7.38 22.50 -13.51
C LEU A 142 7.69 21.07 -13.91
N VAL A 143 8.11 20.25 -12.96
CA VAL A 143 8.23 18.82 -13.21
C VAL A 143 6.91 18.17 -12.84
N LEU A 144 6.37 17.37 -13.77
CA LEU A 144 5.10 16.71 -13.58
C LEU A 144 5.30 15.19 -13.63
N VAL A 145 4.51 14.47 -12.84
CA VAL A 145 4.61 13.02 -12.73
C VAL A 145 3.24 12.41 -13.05
N ASP A 146 3.24 11.10 -13.27
CA ASP A 146 2.00 10.34 -13.37
C ASP A 146 1.14 10.57 -12.15
N ASN A 147 -0.16 10.55 -12.34
CA ASN A 147 -1.08 10.81 -11.23
C ASN A 147 -1.05 9.63 -10.26
N PRO A 148 -0.71 9.84 -8.99
CA PRO A 148 -0.68 8.73 -8.05
C PRO A 148 -2.09 8.34 -7.63
N ALA A 149 -2.19 7.19 -6.97
CA ALA A 149 -3.50 6.68 -6.56
C ALA A 149 -4.22 7.65 -5.62
N HIS A 150 -3.47 8.33 -4.74
CA HIS A 150 -4.11 9.24 -3.80
C HIS A 150 -4.48 10.60 -4.40
N HIS A 151 -4.19 10.84 -5.68
CA HIS A 151 -4.47 12.14 -6.32
C HIS A 151 -4.65 11.89 -7.80
N PRO A 152 -5.70 11.16 -8.18
CA PRO A 152 -5.74 10.55 -9.53
C PRO A 152 -6.16 11.47 -10.65
N ALA A 153 -6.62 12.70 -10.36
CA ALA A 153 -6.99 13.60 -11.44
C ALA A 153 -5.82 14.48 -11.91
N GLY A 154 -4.78 14.65 -11.12
CA GLY A 154 -3.65 15.49 -11.54
C GLY A 154 -3.99 16.97 -11.40
N ASP A 155 -3.00 17.80 -11.72
CA ASP A 155 -3.10 19.24 -11.49
C ASP A 155 -3.04 20.07 -12.76
N PHE A 156 -2.33 19.63 -13.79
CA PHE A 156 -2.10 20.47 -14.96
C PHE A 156 -2.08 19.60 -16.20
N HIS A 157 -2.45 20.21 -17.32
CA HIS A 157 -2.17 19.62 -18.62
C HIS A 157 -0.81 20.09 -19.09
N LEU A 158 -0.10 19.19 -19.76
CA LEU A 158 1.15 19.47 -20.42
C LEU A 158 0.91 19.24 -21.90
N ASP A 159 1.15 20.25 -22.74
CA ASP A 159 0.90 20.00 -24.15
C ASP A 159 2.17 19.55 -24.86
N ALA A 160 2.04 19.28 -26.16
CA ALA A 160 3.12 18.71 -26.94
C ALA A 160 4.38 19.57 -26.92
N GLY A 161 4.23 20.89 -26.86
CA GLY A 161 5.36 21.80 -26.84
C GLY A 161 5.97 22.04 -25.48
N GLY A 162 5.62 21.25 -24.46
CA GLY A 162 6.12 21.48 -23.12
C GLY A 162 5.42 22.60 -22.38
N ARG A 163 4.24 23.03 -22.84
CA ARG A 163 3.55 24.17 -22.25
C ARG A 163 2.53 23.67 -21.23
N VAL A 164 2.59 24.23 -20.04
CA VAL A 164 1.68 23.83 -18.96
C VAL A 164 0.38 24.62 -19.11
N GLY A 165 -0.76 23.91 -19.01
CA GLY A 165 -2.05 24.54 -19.04
C GLY A 165 -2.92 24.01 -17.90
N GLU A 166 -4.11 24.59 -17.80
CA GLU A 166 -5.08 23.97 -16.92
C GLU A 166 -5.48 22.60 -17.46
N THR A 167 -6.08 21.79 -16.59
CA THR A 167 -6.46 20.44 -16.95
C THR A 167 -7.48 20.44 -18.09
N ARG A 168 -7.43 19.37 -18.88
CA ARG A 168 -8.34 19.15 -19.99
C ARG A 168 -9.11 17.87 -19.71
N GLU A 169 -10.44 17.92 -19.86
CA GLU A 169 -11.28 16.74 -19.60
C GLU A 169 -10.88 15.53 -20.45
N ALA A 170 -10.27 15.76 -21.62
CA ALA A 170 -9.94 14.63 -22.48
C ALA A 170 -8.74 13.82 -21.98
N GLY A 171 -8.03 14.27 -20.96
CA GLY A 171 -6.92 13.54 -20.39
C GLY A 171 -5.57 14.17 -20.69
N GLY A 172 -4.52 13.38 -20.50
CA GLY A 172 -3.17 13.91 -20.59
C GLY A 172 -2.81 14.87 -19.46
N ASN A 173 -3.50 14.78 -18.33
CA ASN A 173 -3.21 15.63 -17.19
C ASN A 173 -2.23 14.94 -16.25
N LEU A 174 -1.39 15.73 -15.57
CA LEU A 174 -0.28 15.23 -14.76
C LEU A 174 -0.24 15.95 -13.43
N THR A 175 0.39 15.30 -12.44
CA THR A 175 0.50 15.83 -11.08
C THR A 175 1.76 16.68 -10.92
N TYR A 176 1.61 17.82 -10.25
CA TYR A 176 2.76 18.64 -9.91
C TYR A 176 3.60 17.92 -8.85
N SER A 177 4.89 17.72 -9.14
CA SER A 177 5.79 16.93 -8.34
C SER A 177 6.33 17.67 -7.11
N GLY A 178 6.17 18.98 -7.05
CA GLY A 178 6.86 19.75 -6.05
C GLY A 178 8.29 20.09 -6.41
N ILE A 179 8.71 19.81 -7.64
CA ILE A 179 10.03 20.17 -8.18
C ILE A 179 9.85 21.17 -9.31
N ALA A 180 10.66 22.23 -9.29
CA ALA A 180 10.48 23.26 -10.29
C ALA A 180 11.69 24.16 -10.31
N VAL A 181 11.74 25.01 -11.34
CA VAL A 181 12.54 26.23 -11.37
C VAL A 181 11.58 27.40 -11.45
N LEU A 182 11.79 28.41 -10.60
CA LEU A 182 10.92 29.56 -10.58
C LEU A 182 11.71 30.84 -10.79
N HIS A 183 11.08 31.78 -11.46
CA HIS A 183 11.69 33.10 -11.54
C HIS A 183 11.21 33.97 -10.39
N PRO A 184 12.09 34.69 -9.71
CA PRO A 184 11.62 35.64 -8.68
C PRO A 184 10.52 36.58 -9.15
N ALA A 185 10.51 37.00 -10.42
CA ALA A 185 9.42 37.86 -10.88
C ALA A 185 8.06 37.18 -10.88
N LEU A 186 8.01 35.85 -10.68
CA LEU A 186 6.72 35.19 -10.47
C LEU A 186 5.96 35.76 -9.27
N PHE A 187 6.68 36.35 -8.33
CA PHE A 187 6.14 36.91 -7.10
C PHE A 187 5.93 38.41 -7.18
N GLU A 188 5.88 38.98 -8.38
CA GLU A 188 5.68 40.42 -8.51
C GLU A 188 4.33 40.83 -7.90
N GLY A 189 4.37 41.82 -7.02
CA GLY A 189 3.16 42.28 -6.38
C GLY A 189 2.74 41.50 -5.16
N CYS A 190 3.47 40.44 -4.80
CA CYS A 190 3.04 39.65 -3.65
C CYS A 190 3.22 40.43 -2.35
N GLN A 191 2.45 40.03 -1.33
CA GLN A 191 2.46 40.71 -0.05
C GLN A 191 2.93 39.74 1.03
N PRO A 192 3.67 40.21 2.04
CA PRO A 192 4.10 39.32 3.13
C PRO A 192 2.90 38.67 3.81
N GLY A 193 3.01 37.38 4.04
CA GLY A 193 1.93 36.64 4.65
C GLY A 193 1.96 35.20 4.20
N ALA A 194 0.95 34.45 4.63
CA ALA A 194 0.81 33.06 4.20
C ALA A 194 -0.12 32.99 2.98
N PHE A 195 0.31 32.28 1.96
CA PHE A 195 -0.50 32.05 0.78
C PHE A 195 0.10 30.87 0.04
N LYS A 196 -0.70 30.26 -0.81
CA LYS A 196 -0.27 29.07 -1.54
C LYS A 196 0.35 29.46 -2.88
N LEU A 197 1.18 28.54 -3.39
CA LEU A 197 1.88 28.79 -4.64
C LEU A 197 0.97 28.61 -5.85
N ALA A 198 -0.03 27.73 -5.74
CA ALA A 198 -0.85 27.38 -6.92
C ALA A 198 -1.50 28.57 -7.59
N PRO A 199 -2.04 29.58 -6.87
CA PRO A 199 -2.65 30.70 -7.59
C PRO A 199 -1.67 31.52 -8.38
N LEU A 200 -0.41 31.63 -7.93
CA LEU A 200 0.60 32.33 -8.71
C LEU A 200 0.93 31.57 -9.98
N LEU A 201 0.99 30.24 -9.87
CA LEU A 201 1.22 29.42 -11.05
C LEU A 201 0.07 29.55 -12.04
N ARG A 202 -1.18 29.57 -11.51
CA ARG A 202 -2.34 29.71 -12.38
C ARG A 202 -2.30 31.02 -13.15
N LYS A 203 -1.88 32.12 -12.50
CA LYS A 203 -1.80 33.39 -13.22
C LYS A 203 -0.67 33.38 -14.26
N ALA A 204 0.49 32.81 -13.92
CA ALA A 204 1.56 32.73 -14.91
C ALA A 204 1.19 31.78 -16.05
N ILE A 205 0.49 30.68 -15.74
CA ILE A 205 -0.01 29.78 -16.77
C ILE A 205 -0.96 30.52 -17.70
N ALA A 206 -1.90 31.29 -17.13
CA ALA A 206 -2.84 32.02 -17.97
C ALA A 206 -2.14 33.00 -18.90
N ALA A 207 -1.03 33.58 -18.46
CA ALA A 207 -0.25 34.49 -19.31
C ALA A 207 0.71 33.74 -20.23
N GLY A 208 0.70 32.40 -20.22
CA GLY A 208 1.53 31.64 -21.13
C GLY A 208 3.02 31.64 -20.81
N ARG A 209 3.39 31.61 -19.52
CA ARG A 209 4.78 31.73 -19.14
C ARG A 209 5.24 30.60 -18.22
N VAL A 210 4.70 29.39 -18.40
CA VAL A 210 5.08 28.24 -17.57
C VAL A 210 5.34 27.05 -18.49
N SER A 211 6.58 26.55 -18.49
CA SER A 211 6.90 25.31 -19.18
C SER A 211 6.88 24.15 -18.20
N GLY A 212 7.03 22.94 -18.73
CA GLY A 212 6.97 21.74 -17.91
C GLY A 212 7.57 20.55 -18.64
N GLU A 213 7.79 19.48 -17.89
CA GLU A 213 8.24 18.24 -18.50
C GLU A 213 7.63 17.08 -17.73
N HIS A 214 7.47 15.96 -18.42
CA HIS A 214 6.91 14.76 -17.82
C HIS A 214 8.08 13.94 -17.26
N HIS A 215 8.16 13.81 -15.94
CA HIS A 215 9.11 12.89 -15.35
C HIS A 215 8.50 11.50 -15.36
N ARG A 216 9.15 10.56 -16.04
CA ARG A 216 8.63 9.20 -16.13
C ARG A 216 9.29 8.25 -15.15
N GLY A 217 10.15 8.74 -14.27
CA GLY A 217 10.79 7.91 -13.28
C GLY A 217 10.00 7.91 -11.98
N GLN A 218 10.69 7.53 -10.91
CA GLN A 218 10.04 7.39 -9.62
C GLN A 218 9.85 8.72 -8.91
N TRP A 219 8.82 8.78 -8.07
CA TRP A 219 8.49 9.96 -7.29
C TRP A 219 7.50 9.55 -6.23
N VAL A 220 7.67 10.11 -5.04
CA VAL A 220 6.84 9.80 -3.89
C VAL A 220 6.58 11.09 -3.14
N ASP A 221 5.31 11.39 -2.91
CA ASP A 221 4.87 12.42 -1.98
C ASP A 221 4.87 11.78 -0.58
N VAL A 222 5.88 12.08 0.24
CA VAL A 222 6.02 11.46 1.55
C VAL A 222 5.08 12.11 2.57
N GLY A 223 3.82 11.68 2.61
CA GLY A 223 2.88 12.27 3.53
C GLY A 223 2.43 11.35 4.63
N THR A 224 2.74 10.05 4.50
CA THR A 224 2.33 9.06 5.48
C THR A 224 3.50 8.11 5.72
N HIS A 225 3.38 7.28 6.77
CA HIS A 225 4.41 6.29 7.03
C HIS A 225 4.41 5.20 5.98
N GLU A 226 3.23 4.83 5.51
CA GLU A 226 3.09 3.92 4.37
C GLU A 226 3.85 4.44 3.15
N ARG A 227 3.83 5.75 2.92
CA ARG A 227 4.55 6.30 1.77
C ARG A 227 6.03 6.52 2.08
N LEU A 228 6.40 6.67 3.35
CA LEU A 228 7.80 6.61 3.71
C LEU A 228 8.39 5.22 3.41
N ALA A 229 7.63 4.16 3.67
CA ALA A 229 8.12 2.81 3.36
C ALA A 229 8.36 2.65 1.87
N GLU A 230 7.51 3.26 1.05
CA GLU A 230 7.71 3.21 -0.39
C GLU A 230 8.96 3.98 -0.80
N VAL A 231 9.29 5.08 -0.11
CA VAL A 231 10.58 5.73 -0.34
C VAL A 231 11.72 4.77 -0.02
N GLU A 232 11.61 4.06 1.10
CA GLU A 232 12.69 3.18 1.49
C GLU A 232 12.88 2.04 0.50
N ARG A 233 11.77 1.50 -0.03
CA ARG A 233 11.92 0.54 -1.11
C ARG A 233 12.71 1.13 -2.28
N LEU A 234 12.45 2.39 -2.62
CA LEU A 234 13.18 3.00 -3.74
C LEU A 234 14.65 3.19 -3.41
N LEU A 235 14.95 3.61 -2.18
CA LEU A 235 16.32 3.90 -1.81
C LEU A 235 17.16 2.64 -1.76
N ALA A 236 16.54 1.48 -1.56
CA ALA A 236 17.25 0.22 -1.41
C ALA A 236 17.39 -0.56 -2.72
N GLU A 237 16.81 -0.07 -3.82
CA GLU A 237 16.81 -0.81 -5.07
C GLU A 237 18.24 -1.03 -5.56
N HIS A 238 18.60 -2.30 -5.74
CA HIS A 238 19.98 -2.74 -5.99
C HIS A 238 20.90 -2.27 -4.87
N ASP B 15 12.93 -36.78 16.47
CA ASP B 15 14.02 -35.80 16.34
C ASP B 15 13.47 -34.37 16.39
N MSE B 16 14.33 -33.37 16.64
CA MSE B 16 13.88 -31.97 16.83
C MSE B 16 13.05 -31.39 15.69
O MSE B 16 13.45 -31.48 14.53
CB MSE B 16 14.95 -31.03 17.39
CG MSE B 16 14.40 -29.74 17.98
SE MSE B 16 15.56 -29.03 19.40
CE MSE B 16 15.22 -30.09 21.01
N LYS B 17 11.92 -30.80 16.07
CA LYS B 17 11.06 -30.13 15.09
C LYS B 17 11.50 -28.68 15.01
N ALA B 18 11.13 -28.01 13.94
CA ALA B 18 11.44 -26.57 13.81
C ALA B 18 10.15 -25.77 13.63
N MSE B 19 10.10 -24.64 14.31
CA MSE B 19 8.99 -23.69 14.15
C MSE B 19 9.52 -22.47 13.41
O MSE B 19 10.42 -21.82 13.94
CB MSE B 19 8.45 -23.25 15.52
CG MSE B 19 7.57 -22.05 15.46
SE MSE B 19 5.72 -22.64 15.29
CE MSE B 19 4.61 -21.09 14.84
N ILE B 20 9.07 -22.26 12.18
CA ILE B 20 9.43 -21.03 11.44
C ILE B 20 8.27 -20.05 11.56
N LEU B 21 8.53 -18.91 12.20
CA LEU B 21 7.52 -17.87 12.39
C LEU B 21 7.39 -17.07 11.10
N ALA B 22 6.30 -17.28 10.36
CA ALA B 22 6.19 -16.68 9.04
C ALA B 22 4.90 -15.87 8.90
N ALA B 23 4.29 -15.46 10.02
CA ALA B 23 3.06 -14.67 10.00
C ALA B 23 3.30 -13.20 10.34
N GLY B 24 4.54 -12.74 10.27
CA GLY B 24 4.81 -11.34 10.58
C GLY B 24 4.06 -10.38 9.69
N ARG B 25 3.81 -9.18 10.22
CA ARG B 25 3.07 -8.17 9.47
C ARG B 25 3.90 -7.60 8.33
N GLY B 26 5.19 -7.39 8.55
CA GLY B 26 5.99 -6.70 7.55
C GLY B 26 5.48 -5.32 7.16
N GLU B 27 5.02 -4.52 8.13
CA GLU B 27 4.50 -3.20 7.80
C GLU B 27 5.60 -2.28 7.28
N ARG B 28 6.80 -2.37 7.83
CA ARG B 28 7.91 -1.55 7.34
C ARG B 28 8.32 -1.90 5.92
N MSE B 29 7.95 -3.07 5.41
CA MSE B 29 8.36 -3.40 4.05
C MSE B 29 7.23 -3.28 3.03
O MSE B 29 7.30 -3.81 1.93
CB MSE B 29 8.98 -4.79 4.01
CG MSE B 29 10.33 -4.77 4.73
SE MSE B 29 11.37 -6.39 4.68
CE MSE B 29 11.85 -6.45 2.80
N ARG B 30 6.19 -2.52 3.40
CA ARG B 30 5.21 -2.08 2.44
C ARG B 30 5.90 -1.18 1.40
N PRO B 31 5.35 -1.07 0.20
CA PRO B 31 4.12 -1.69 -0.30
C PRO B 31 4.30 -3.16 -0.70
N THR B 32 5.54 -3.67 -0.70
CA THR B 32 5.79 -5.03 -1.16
C THR B 32 4.92 -6.03 -0.42
N THR B 33 4.82 -5.90 0.90
CA THR B 33 4.13 -6.86 1.75
C THR B 33 2.61 -6.67 1.76
N LEU B 34 2.09 -5.78 0.93
CA LEU B 34 0.66 -5.74 0.64
C LEU B 34 0.24 -6.80 -0.38
N HIS B 35 1.21 -7.34 -1.13
CA HIS B 35 0.94 -8.25 -2.24
C HIS B 35 1.68 -9.58 -2.14
N THR B 36 2.75 -9.64 -1.36
CA THR B 36 3.58 -10.81 -1.14
C THR B 36 3.95 -10.84 0.34
N PRO B 37 3.63 -11.91 1.05
CA PRO B 37 4.07 -11.99 2.45
C PRO B 37 5.60 -12.00 2.51
N LYS B 38 6.14 -11.33 3.53
CA LYS B 38 7.58 -11.19 3.66
C LYS B 38 8.39 -12.48 3.54
N PRO B 39 7.95 -13.64 4.07
CA PRO B 39 8.71 -14.87 3.84
C PRO B 39 8.93 -15.20 2.37
N LEU B 40 7.98 -14.84 1.50
CA LEU B 40 8.09 -15.15 0.09
C LEU B 40 8.93 -14.15 -0.69
N ILE B 41 9.34 -13.05 -0.07
CA ILE B 41 10.13 -12.04 -0.77
C ILE B 41 11.52 -12.60 -1.07
N GLU B 42 11.99 -12.40 -2.31
CA GLU B 42 13.25 -13.00 -2.74
C GLU B 42 14.45 -12.28 -2.13
N ALA B 43 15.45 -13.09 -1.77
CA ALA B 43 16.78 -12.60 -1.42
C ALA B 43 17.76 -13.26 -2.39
N ALA B 44 18.27 -12.48 -3.34
CA ALA B 44 19.20 -12.97 -4.36
C ALA B 44 18.61 -14.17 -5.10
N GLY B 45 17.36 -14.03 -5.52
CA GLY B 45 16.72 -15.02 -6.36
C GLY B 45 15.87 -16.04 -5.63
N VAL B 46 16.02 -16.17 -4.31
CA VAL B 46 15.36 -17.26 -3.59
C VAL B 46 14.54 -16.69 -2.45
N PRO B 47 13.25 -17.03 -2.33
CA PRO B 47 12.45 -16.58 -1.18
C PRO B 47 13.17 -16.81 0.13
N LEU B 48 12.94 -15.91 1.09
CA LEU B 48 13.67 -16.00 2.35
C LEU B 48 13.36 -17.29 3.09
N ILE B 49 12.08 -17.67 3.18
CA ILE B 49 11.72 -18.87 3.91
C ILE B 49 12.25 -20.12 3.22
N GLU B 50 12.34 -20.10 1.89
CA GLU B 50 13.01 -21.23 1.23
C GLU B 50 14.46 -21.32 1.69
N ARG B 51 15.17 -20.19 1.78
CA ARG B 51 16.55 -20.22 2.23
C ARG B 51 16.66 -20.71 3.66
N GLN B 52 15.71 -20.32 4.52
CA GLN B 52 15.74 -20.79 5.90
C GLN B 52 15.49 -22.29 5.98
N LEU B 53 14.51 -22.79 5.22
CA LEU B 53 14.18 -24.20 5.28
C LEU B 53 15.33 -25.06 4.74
N LEU B 54 16.02 -24.58 3.71
CA LEU B 54 17.16 -25.35 3.18
C LEU B 54 18.35 -25.27 4.10
N ALA B 55 18.54 -24.14 4.79
CA ALA B 55 19.54 -24.10 5.85
C ALA B 55 19.22 -25.09 6.95
N LEU B 56 17.94 -25.25 7.31
CA LEU B 56 17.55 -26.26 8.30
C LEU B 56 17.81 -27.69 7.77
N ARG B 57 17.50 -27.93 6.49
CA ARG B 57 17.72 -29.24 5.89
C ARG B 57 19.20 -29.63 5.94
N GLN B 58 20.10 -28.71 5.59
CA GLN B 58 21.53 -28.93 5.74
C GLN B 58 21.93 -29.33 7.16
N ALA B 59 21.13 -28.96 8.16
CA ALA B 59 21.42 -29.27 9.54
C ALA B 59 20.81 -30.58 9.99
N GLY B 60 20.14 -31.31 9.11
CA GLY B 60 19.42 -32.51 9.55
C GLY B 60 18.08 -32.25 10.21
N VAL B 61 17.57 -31.02 10.18
CA VAL B 61 16.26 -30.71 10.74
C VAL B 61 15.28 -30.64 9.57
N ASP B 62 14.35 -31.59 9.47
CA ASP B 62 13.45 -31.66 8.33
C ASP B 62 11.97 -31.76 8.69
N ASP B 63 11.60 -31.59 9.96
CA ASP B 63 10.20 -31.65 10.39
C ASP B 63 9.76 -30.24 10.80
N TRP B 64 8.94 -29.60 9.99
CA TRP B 64 8.76 -28.15 10.06
C TRP B 64 7.31 -27.78 10.36
N VAL B 65 7.12 -26.79 11.24
CA VAL B 65 5.83 -26.18 11.52
C VAL B 65 5.91 -24.70 11.16
N ILE B 66 4.99 -24.24 10.32
CA ILE B 66 4.99 -22.89 9.78
C ILE B 66 3.62 -22.27 10.01
N ASN B 67 3.59 -21.11 10.64
CA ASN B 67 2.36 -20.33 10.74
C ASN B 67 2.33 -19.26 9.66
N HIS B 68 1.12 -18.86 9.30
CA HIS B 68 0.94 -17.77 8.32
C HIS B 68 -0.32 -16.99 8.70
N ALA B 69 -0.45 -15.78 8.18
CA ALA B 69 -1.63 -14.95 8.48
C ALA B 69 -2.09 -14.26 7.19
N TRP B 70 -1.77 -12.98 7.05
CA TRP B 70 -2.12 -12.24 5.83
C TRP B 70 -1.47 -12.87 4.60
N LEU B 71 -2.24 -13.13 3.56
CA LEU B 71 -1.76 -13.75 2.30
C LEU B 71 -1.02 -15.06 2.61
N GLY B 72 -1.35 -15.70 3.72
CA GLY B 72 -0.69 -16.93 4.09
C GLY B 72 -0.94 -18.04 3.09
N GLU B 73 -2.10 -18.02 2.43
CA GLU B 73 -2.38 -18.94 1.35
C GLU B 73 -1.23 -19.00 0.34
N GLN B 74 -0.60 -17.84 0.06
CA GLN B 74 0.53 -17.85 -0.86
C GLN B 74 1.71 -18.66 -0.33
N ILE B 75 1.82 -18.80 0.99
CA ILE B 75 2.93 -19.56 1.55
C ILE B 75 2.70 -21.07 1.41
N GLU B 76 1.48 -21.54 1.64
CA GLU B 76 1.19 -22.95 1.37
C GLU B 76 1.24 -23.25 -0.13
N ALA B 77 0.84 -22.30 -0.97
CA ALA B 77 0.88 -22.56 -2.39
C ALA B 77 2.32 -22.67 -2.90
N TYR B 78 3.25 -21.93 -2.29
CA TYR B 78 4.64 -22.00 -2.76
C TYR B 78 5.38 -23.20 -2.18
N LEU B 79 5.26 -23.43 -0.87
CA LEU B 79 6.01 -24.48 -0.21
C LEU B 79 5.31 -25.85 -0.26
N GLY B 80 3.98 -25.86 -0.29
CA GLY B 80 3.29 -27.14 -0.36
C GLY B 80 3.54 -27.97 0.89
N ASP B 81 3.69 -29.28 0.69
CA ASP B 81 3.90 -30.18 1.83
C ASP B 81 5.34 -30.19 2.32
N GLY B 82 6.25 -29.45 1.67
CA GLY B 82 7.62 -29.32 2.11
C GLY B 82 8.59 -30.25 1.41
N SER B 83 8.09 -31.33 0.79
CA SER B 83 8.98 -32.37 0.29
C SER B 83 9.85 -31.88 -0.86
N ARG B 84 9.46 -30.82 -1.57
CA ARG B 84 10.36 -30.29 -2.59
C ARG B 84 11.60 -29.63 -2.01
N LEU B 85 11.60 -29.34 -0.71
CA LEU B 85 12.77 -28.81 -0.02
C LEU B 85 13.36 -29.86 0.93
N GLY B 86 13.04 -31.12 0.73
CA GLY B 86 13.60 -32.16 1.57
C GLY B 86 12.94 -32.35 2.92
N GLY B 87 11.76 -31.77 3.15
CA GLY B 87 11.14 -31.90 4.46
C GLY B 87 9.64 -32.13 4.48
N ARG B 88 9.05 -32.05 5.66
CA ARG B 88 7.61 -32.11 5.84
C ARG B 88 7.17 -30.85 6.58
N ILE B 89 6.04 -30.29 6.18
CA ILE B 89 5.51 -29.06 6.77
C ILE B 89 4.15 -29.34 7.36
N ALA B 90 3.92 -28.90 8.60
CA ALA B 90 2.58 -28.74 9.15
C ALA B 90 2.28 -27.25 9.27
N TYR B 91 1.15 -26.82 8.72
CA TYR B 91 0.77 -25.40 8.74
C TYR B 91 -0.13 -25.09 9.93
N SER B 92 0.09 -23.91 10.51
CA SER B 92 -0.74 -23.37 11.61
C SER B 92 -1.36 -22.08 11.06
N PRO B 93 -2.51 -22.19 10.39
CA PRO B 93 -3.13 -21.02 9.83
C PRO B 93 -3.72 -20.07 10.88
N GLU B 94 -3.27 -18.84 10.89
CA GLU B 94 -3.85 -17.82 11.78
C GLU B 94 -4.49 -16.83 10.81
N GLY B 95 -5.66 -16.34 11.09
CA GLY B 95 -6.19 -15.43 10.06
C GLY B 95 -5.55 -14.08 10.22
N GLU B 96 -5.70 -13.54 11.41
CA GLU B 96 -5.07 -12.25 11.71
C GLU B 96 -3.81 -12.56 12.49
N PRO B 97 -2.76 -11.75 12.36
CA PRO B 97 -1.48 -12.07 13.00
C PRO B 97 -1.45 -12.14 14.53
N LEU B 98 -1.12 -13.32 15.04
CA LEU B 98 -0.84 -13.44 16.48
C LEU B 98 0.60 -12.96 16.47
N GLU B 99 1.20 -12.66 17.60
CA GLU B 99 2.57 -12.13 17.37
C GLU B 99 3.54 -13.31 17.57
N THR B 100 4.80 -13.02 17.84
CA THR B 100 5.80 -14.08 18.08
C THR B 100 5.31 -15.06 19.15
N GLY B 101 4.91 -14.54 20.30
CA GLY B 101 4.46 -15.43 21.36
C GLY B 101 3.17 -16.15 21.01
N GLY B 102 2.18 -15.42 20.48
CA GLY B 102 0.91 -16.03 20.17
C GLY B 102 0.96 -17.03 19.04
N GLY B 103 1.81 -16.77 18.05
CA GLY B 103 1.94 -17.71 16.94
C GLY B 103 2.50 -19.05 17.38
N ILE B 104 3.55 -19.03 18.20
CA ILE B 104 4.07 -20.28 18.74
C ILE B 104 3.02 -20.97 19.59
N PHE B 105 2.34 -20.21 20.46
CA PHE B 105 1.40 -20.83 21.39
C PHE B 105 0.26 -21.51 20.64
N ARG B 106 -0.21 -20.88 19.57
CA ARG B 106 -1.28 -21.49 18.79
C ARG B 106 -0.80 -22.77 18.11
N ALA B 107 0.49 -22.83 17.73
CA ALA B 107 1.06 -23.97 17.05
C ALA B 107 1.49 -25.10 17.97
N LEU B 108 1.49 -24.90 19.29
CA LEU B 108 2.00 -25.92 20.21
C LEU B 108 1.41 -27.31 19.97
N PRO B 109 0.12 -27.49 19.64
CA PRO B 109 -0.36 -28.85 19.35
C PRO B 109 0.42 -29.55 18.25
N LEU B 110 0.77 -28.82 17.19
CA LEU B 110 1.57 -29.39 16.10
C LEU B 110 3.02 -29.66 16.52
N LEU B 111 3.53 -29.00 17.54
CA LEU B 111 4.92 -29.20 17.92
C LEU B 111 5.10 -30.36 18.89
N GLY B 112 4.12 -30.61 19.74
CA GLY B 112 4.20 -31.71 20.66
C GLY B 112 4.83 -31.32 21.98
N GLU B 113 5.52 -32.29 22.59
CA GLU B 113 6.01 -32.15 23.95
C GLU B 113 7.49 -31.80 24.03
N GLN B 114 8.29 -32.18 23.03
CA GLN B 114 9.73 -31.98 23.08
C GLN B 114 10.11 -30.52 22.87
N PRO B 115 11.29 -30.12 23.35
CA PRO B 115 11.86 -28.84 22.93
C PRO B 115 11.90 -28.76 21.41
N PHE B 116 11.78 -27.55 20.89
CA PHE B 116 11.75 -27.36 19.45
C PHE B 116 12.61 -26.17 19.05
N LEU B 117 13.12 -26.30 17.83
CA LEU B 117 13.84 -25.23 17.16
C LEU B 117 12.89 -24.09 16.80
N LEU B 118 13.29 -22.86 17.13
CA LEU B 118 12.53 -21.68 16.76
C LEU B 118 13.33 -20.82 15.81
N LEU B 119 12.73 -20.46 14.68
CA LEU B 119 13.37 -19.60 13.70
C LEU B 119 12.40 -18.49 13.33
N ASN B 120 12.71 -17.26 13.72
CA ASN B 120 11.88 -16.14 13.32
C ASN B 120 12.00 -15.93 11.81
N GLY B 121 10.89 -15.55 11.16
CA GLY B 121 10.90 -15.46 9.71
C GLY B 121 11.66 -14.27 9.15
N ASP B 122 11.89 -13.24 9.96
CA ASP B 122 12.63 -12.07 9.50
C ASP B 122 14.12 -12.31 9.39
N VAL B 123 14.64 -13.39 9.95
CA VAL B 123 16.04 -13.47 10.29
C VAL B 123 16.79 -14.24 9.22
N TRP B 124 17.88 -13.67 8.75
CA TRP B 124 18.83 -14.37 7.91
C TRP B 124 20.15 -14.46 8.67
N SER B 125 20.80 -15.61 8.58
CA SER B 125 22.09 -15.81 9.23
C SER B 125 22.76 -17.01 8.59
N ASP B 126 24.06 -17.16 8.85
CA ASP B 126 24.81 -18.37 8.52
C ASP B 126 25.12 -19.20 9.77
N PHE B 127 24.23 -19.14 10.76
CA PHE B 127 24.37 -19.92 11.99
C PHE B 127 24.28 -21.42 11.72
N ASP B 128 25.09 -22.19 12.43
CA ASP B 128 25.10 -23.66 12.31
C ASP B 128 24.02 -24.20 13.24
N TYR B 129 22.84 -24.49 12.68
CA TYR B 129 21.69 -24.87 13.51
C TYR B 129 21.91 -26.19 14.22
N SER B 130 22.81 -27.03 13.71
CA SER B 130 23.04 -28.33 14.33
C SER B 130 23.52 -28.22 15.78
N ARG B 131 24.13 -27.09 16.17
CA ARG B 131 24.68 -26.95 17.51
C ARG B 131 23.64 -26.51 18.56
N LEU B 132 22.36 -26.47 18.21
CA LEU B 132 21.33 -26.07 19.16
C LEU B 132 20.90 -27.25 20.02
N HIS B 133 20.91 -27.05 21.33
CA HIS B 133 20.57 -28.06 22.32
C HIS B 133 19.85 -27.36 23.47
N LEU B 134 19.01 -28.10 24.19
CA LEU B 134 18.40 -27.55 25.39
C LEU B 134 18.76 -28.47 26.54
N ALA B 135 19.57 -27.95 27.47
CA ALA B 135 19.90 -28.75 28.65
C ALA B 135 18.65 -28.96 29.48
N ASP B 136 18.54 -30.15 30.07
CA ASP B 136 17.37 -30.48 30.87
C ASP B 136 17.20 -29.48 32.00
N GLY B 137 15.95 -29.19 32.34
CA GLY B 137 15.64 -28.14 33.29
C GLY B 137 15.47 -26.77 32.67
N ASP B 138 16.28 -26.42 31.67
CA ASP B 138 16.19 -25.09 31.09
C ASP B 138 14.93 -24.94 30.26
N LEU B 139 14.42 -23.71 30.18
CA LEU B 139 13.21 -23.49 29.38
C LEU B 139 13.51 -22.99 27.98
N ALA B 140 14.66 -22.34 27.78
CA ALA B 140 15.00 -21.80 26.47
C ALA B 140 16.51 -21.77 26.32
N HIS B 141 16.94 -21.89 25.07
CA HIS B 141 18.33 -21.62 24.69
C HIS B 141 18.29 -20.60 23.57
N LEU B 142 18.91 -19.45 23.79
CA LEU B 142 18.81 -18.30 22.91
C LEU B 142 20.14 -18.02 22.23
N VAL B 143 20.12 -17.83 20.93
CA VAL B 143 21.31 -17.37 20.22
C VAL B 143 21.32 -15.85 20.21
N LEU B 144 22.40 -15.26 20.72
CA LEU B 144 22.54 -13.81 20.81
C LEU B 144 23.57 -13.31 19.82
N VAL B 145 23.39 -12.06 19.36
CA VAL B 145 24.30 -11.45 18.40
C VAL B 145 24.70 -10.08 18.89
N ASP B 146 25.68 -9.49 18.21
CA ASP B 146 26.06 -8.13 18.50
C ASP B 146 24.85 -7.20 18.32
N ASN B 147 24.84 -6.15 19.11
CA ASN B 147 23.84 -5.11 18.95
C ASN B 147 24.01 -4.47 17.59
N PRO B 148 22.98 -4.48 16.74
CA PRO B 148 23.06 -3.87 15.42
C PRO B 148 22.72 -2.38 15.45
N ALA B 149 22.97 -1.72 14.32
CA ALA B 149 22.84 -0.26 14.27
C ALA B 149 21.40 0.21 14.54
N HIS B 150 20.40 -0.57 14.13
CA HIS B 150 19.00 -0.23 14.34
C HIS B 150 18.48 -0.65 15.73
N HIS B 151 19.34 -1.09 16.63
CA HIS B 151 18.94 -1.58 17.95
C HIS B 151 20.15 -1.52 18.87
N PRO B 152 20.81 -0.36 18.99
CA PRO B 152 22.14 -0.35 19.59
C PRO B 152 22.15 -0.57 21.09
N ALA B 153 21.00 -0.43 21.77
CA ALA B 153 20.97 -0.63 23.22
C ALA B 153 21.07 -2.10 23.59
N GLY B 154 20.46 -2.98 22.80
CA GLY B 154 20.57 -4.40 23.07
C GLY B 154 19.54 -4.94 24.03
N ASP B 155 19.62 -6.27 24.25
CA ASP B 155 18.57 -6.94 25.07
C ASP B 155 19.12 -7.69 26.29
N PHE B 156 20.06 -8.65 26.12
CA PHE B 156 20.48 -9.43 27.28
C PHE B 156 21.99 -9.51 27.44
N HIS B 157 22.40 -10.47 28.24
CA HIS B 157 23.75 -10.51 28.78
C HIS B 157 24.14 -11.97 29.02
N LEU B 158 25.33 -12.34 28.56
CA LEU B 158 25.77 -13.74 28.56
C LEU B 158 26.86 -13.93 29.60
N ASP B 159 26.54 -14.70 30.64
CA ASP B 159 27.50 -15.00 31.70
C ASP B 159 28.34 -16.21 31.32
N ALA B 160 29.53 -16.28 31.91
CA ALA B 160 30.60 -17.18 31.44
C ALA B 160 30.17 -18.64 31.37
N GLY B 161 29.15 -19.05 32.12
CA GLY B 161 28.71 -20.43 32.09
C GLY B 161 27.70 -20.74 31.00
N GLY B 162 27.62 -19.87 30.00
CA GLY B 162 26.58 -20.00 29.01
C GLY B 162 25.19 -19.69 29.52
N ARG B 163 25.07 -18.91 30.58
CA ARG B 163 23.76 -18.55 31.14
C ARG B 163 23.41 -17.13 30.72
N VAL B 164 22.15 -16.94 30.37
CA VAL B 164 21.67 -15.61 29.99
C VAL B 164 21.09 -14.94 31.22
N GLY B 165 21.45 -13.69 31.33
CA GLY B 165 21.04 -12.84 32.44
C GLY B 165 20.63 -11.47 31.97
N GLU B 166 19.83 -10.87 32.84
CA GLU B 166 19.19 -9.55 32.77
C GLU B 166 20.26 -8.49 32.52
N THR B 167 19.88 -7.42 31.82
CA THR B 167 20.82 -6.33 31.44
C THR B 167 21.49 -5.71 32.66
N ARG B 168 22.82 -5.65 32.65
CA ARG B 168 23.62 -5.01 33.73
C ARG B 168 24.01 -3.61 33.24
N GLU B 169 23.90 -2.62 34.12
CA GLU B 169 24.46 -1.29 33.76
C GLU B 169 25.99 -1.41 33.81
N ALA B 170 26.50 -2.65 33.98
CA ALA B 170 27.93 -3.01 34.07
C ALA B 170 28.42 -3.50 32.70
N GLY B 171 27.81 -4.55 32.13
CA GLY B 171 28.37 -4.93 30.82
C GLY B 171 27.81 -6.21 30.23
N GLY B 172 28.21 -6.44 28.98
CA GLY B 172 27.78 -7.59 28.17
C GLY B 172 26.43 -7.49 27.51
N ASN B 173 26.19 -6.39 26.79
CA ASN B 173 24.91 -6.34 26.06
C ASN B 173 24.92 -6.96 24.68
N LEU B 174 24.02 -7.90 24.50
CA LEU B 174 23.85 -8.64 23.23
C LEU B 174 22.37 -8.59 22.88
N THR B 175 22.07 -8.82 21.62
CA THR B 175 20.71 -8.79 21.11
C THR B 175 20.22 -10.21 20.82
N TYR B 176 18.99 -10.50 21.21
CA TYR B 176 18.38 -11.76 20.83
C TYR B 176 18.20 -11.80 19.32
N SER B 177 18.61 -12.89 18.69
CA SER B 177 18.70 -12.95 17.24
C SER B 177 17.47 -13.55 16.58
N GLY B 178 16.49 -14.01 17.33
CA GLY B 178 15.35 -14.70 16.76
C GLY B 178 15.55 -16.18 16.51
N ILE B 179 16.71 -16.72 16.87
CA ILE B 179 16.98 -18.16 16.79
C ILE B 179 17.04 -18.70 18.21
N ALA B 180 16.35 -19.81 18.46
CA ALA B 180 16.30 -20.36 19.81
C ALA B 180 15.82 -21.81 19.80
N VAL B 181 16.02 -22.47 20.91
CA VAL B 181 15.29 -23.67 21.27
C VAL B 181 14.35 -23.31 22.41
N LEU B 182 13.11 -23.73 22.32
CA LEU B 182 12.09 -23.39 23.30
C LEU B 182 11.50 -24.66 23.90
N HIS B 183 11.19 -24.61 25.19
CA HIS B 183 10.42 -25.71 25.75
C HIS B 183 8.94 -25.33 25.81
N PRO B 184 8.03 -26.24 25.46
CA PRO B 184 6.60 -25.91 25.51
C PRO B 184 6.13 -25.38 26.85
N ALA B 185 6.70 -25.87 27.96
CA ALA B 185 6.31 -25.43 29.30
C ALA B 185 6.60 -23.95 29.54
N LEU B 186 7.43 -23.34 28.70
CA LEU B 186 7.53 -21.89 28.68
C LEU B 186 6.15 -21.23 28.59
N PHE B 187 5.19 -21.85 27.93
CA PHE B 187 3.93 -21.20 27.57
C PHE B 187 2.79 -21.53 28.51
N GLU B 188 3.09 -21.94 29.73
CA GLU B 188 2.02 -22.40 30.58
C GLU B 188 1.30 -21.22 31.25
N GLY B 189 -0.01 -21.33 31.38
CA GLY B 189 -0.84 -20.20 31.75
C GLY B 189 -1.13 -19.24 30.62
N CYS B 190 -0.58 -19.48 29.43
CA CYS B 190 -0.86 -18.59 28.32
C CYS B 190 -2.30 -18.75 27.84
N GLN B 191 -2.82 -17.70 27.22
CA GLN B 191 -4.16 -17.48 26.71
C GLN B 191 -4.12 -17.33 25.20
N PRO B 192 -5.14 -17.82 24.49
CA PRO B 192 -5.19 -17.62 23.03
C PRO B 192 -5.31 -16.14 22.71
N GLY B 193 -4.37 -15.64 21.94
CA GLY B 193 -4.32 -14.23 21.65
C GLY B 193 -2.99 -13.83 21.07
N ALA B 194 -2.93 -12.60 20.58
CA ALA B 194 -1.69 -12.05 20.08
C ALA B 194 -0.86 -11.50 21.24
N PHE B 195 0.41 -11.91 21.30
CA PHE B 195 1.36 -11.40 22.28
C PHE B 195 2.78 -11.70 21.80
N LYS B 196 3.72 -10.92 22.32
CA LYS B 196 5.11 -11.07 21.97
C LYS B 196 5.77 -12.07 22.90
N LEU B 197 6.82 -12.73 22.39
CA LEU B 197 7.53 -13.76 23.14
C LEU B 197 8.37 -13.15 24.27
N ALA B 198 8.85 -11.92 24.09
CA ALA B 198 9.88 -11.39 24.96
C ALA B 198 9.49 -11.28 26.44
N PRO B 199 8.23 -10.96 26.80
CA PRO B 199 7.89 -11.00 28.24
C PRO B 199 8.07 -12.37 28.84
N LEU B 200 7.73 -13.42 28.08
CA LEU B 200 7.95 -14.77 28.54
C LEU B 200 9.44 -15.05 28.77
N LEU B 201 10.27 -14.77 27.76
CA LEU B 201 11.70 -14.99 27.88
C LEU B 201 12.30 -14.18 29.03
N ARG B 202 11.82 -12.95 29.25
CA ARG B 202 12.33 -12.13 30.34
C ARG B 202 12.05 -12.78 31.71
N LYS B 203 10.86 -13.36 31.88
CA LYS B 203 10.57 -14.08 33.11
C LYS B 203 11.47 -15.30 33.25
N ALA B 204 11.66 -16.04 32.16
CA ALA B 204 12.48 -17.24 32.21
C ALA B 204 13.96 -16.88 32.45
N ILE B 205 14.40 -15.73 31.98
CA ILE B 205 15.79 -15.33 32.22
C ILE B 205 15.99 -14.97 33.69
N ALA B 206 15.07 -14.20 34.27
CA ALA B 206 15.16 -13.87 35.70
C ALA B 206 15.13 -15.13 36.56
N ALA B 207 14.35 -16.14 36.17
CA ALA B 207 14.33 -17.41 36.91
C ALA B 207 15.58 -18.26 36.70
N GLY B 208 16.57 -17.78 35.95
CA GLY B 208 17.79 -18.55 35.73
C GLY B 208 17.62 -19.82 34.92
N ARG B 209 16.67 -19.85 33.97
CA ARG B 209 16.35 -21.06 33.24
C ARG B 209 16.55 -20.88 31.74
N VAL B 210 17.51 -20.06 31.34
CA VAL B 210 17.76 -19.77 29.94
C VAL B 210 19.26 -19.76 29.71
N SER B 211 19.75 -20.75 28.94
CA SER B 211 21.11 -20.73 28.43
C SER B 211 21.18 -19.91 27.13
N GLY B 212 22.39 -19.72 26.64
CA GLY B 212 22.55 -19.03 25.38
C GLY B 212 23.95 -19.17 24.82
N GLU B 213 24.14 -18.60 23.64
CA GLU B 213 25.45 -18.55 23.04
C GLU B 213 25.56 -17.30 22.19
N HIS B 214 26.78 -16.94 21.88
CA HIS B 214 27.08 -15.69 21.17
C HIS B 214 27.52 -16.05 19.76
N HIS B 215 26.60 -15.95 18.81
CA HIS B 215 26.93 -16.15 17.41
C HIS B 215 27.78 -14.98 16.91
N ARG B 216 28.93 -15.29 16.32
CA ARG B 216 29.83 -14.31 15.76
C ARG B 216 29.82 -14.30 14.24
N GLY B 217 28.96 -15.08 13.61
CA GLY B 217 28.86 -15.09 12.17
C GLY B 217 27.89 -14.02 11.73
N GLN B 218 27.54 -14.06 10.44
CA GLN B 218 26.56 -13.12 9.91
C GLN B 218 25.14 -13.31 10.42
N TRP B 219 24.46 -12.19 10.56
CA TRP B 219 23.08 -12.18 11.02
C TRP B 219 22.48 -10.86 10.57
N VAL B 220 21.28 -10.92 9.98
CA VAL B 220 20.57 -9.72 9.58
C VAL B 220 19.11 -9.91 9.94
N ASP B 221 18.56 -8.99 10.72
CA ASP B 221 17.12 -8.95 10.96
C ASP B 221 16.49 -8.19 9.80
N VAL B 222 15.79 -8.92 8.92
CA VAL B 222 15.28 -8.33 7.66
C VAL B 222 13.92 -7.71 7.98
N GLY B 223 13.96 -6.53 8.57
CA GLY B 223 12.74 -5.82 8.90
C GLY B 223 12.43 -4.67 7.97
N THR B 224 13.41 -4.20 7.19
CA THR B 224 13.25 -3.05 6.31
C THR B 224 13.77 -3.40 4.92
N HIS B 225 13.49 -2.53 3.94
CA HIS B 225 13.98 -2.77 2.58
C HIS B 225 15.50 -2.72 2.53
N GLU B 226 16.11 -1.87 3.34
CA GLU B 226 17.57 -1.74 3.32
C GLU B 226 18.23 -2.97 3.92
N ARG B 227 17.64 -3.55 4.95
CA ARG B 227 18.25 -4.73 5.53
C ARG B 227 18.06 -5.93 4.63
N LEU B 228 17.03 -5.93 3.79
CA LEU B 228 16.96 -6.93 2.73
C LEU B 228 18.10 -6.72 1.73
N ALA B 229 18.29 -5.47 1.29
CA ALA B 229 19.43 -5.15 0.44
C ALA B 229 20.73 -5.66 1.04
N GLU B 230 20.90 -5.48 2.35
CA GLU B 230 22.12 -5.95 3.02
C GLU B 230 22.29 -7.46 2.91
N VAL B 231 21.23 -8.23 3.05
CA VAL B 231 21.34 -9.71 2.92
C VAL B 231 21.77 -10.06 1.49
N GLU B 232 21.30 -9.31 0.50
CA GLU B 232 21.60 -9.63 -0.92
C GLU B 232 23.06 -9.29 -1.24
N ARG B 233 23.61 -8.27 -0.60
CA ARG B 233 25.04 -7.94 -0.78
C ARG B 233 25.87 -9.09 -0.18
N LEU B 234 25.44 -9.60 0.97
CA LEU B 234 26.19 -10.69 1.65
C LEU B 234 26.19 -11.92 0.74
N LEU B 235 25.04 -12.31 0.20
CA LEU B 235 24.97 -13.44 -0.76
C LEU B 235 25.58 -12.78 -1.99
N ALA B 236 26.91 -12.68 -2.01
CA ALA B 236 27.57 -11.95 -3.09
C ALA B 236 29.00 -11.49 -2.78
N ASP C 15 -40.35 -8.61 -9.03
CA ASP C 15 -40.14 -10.02 -9.48
C ASP C 15 -38.78 -10.20 -10.16
N MSE C 16 -38.18 -9.11 -10.66
CA MSE C 16 -36.85 -9.21 -11.29
C MSE C 16 -35.74 -9.42 -10.25
O MSE C 16 -35.76 -8.77 -9.21
CB MSE C 16 -36.52 -8.02 -12.19
CG MSE C 16 -35.12 -8.07 -12.75
SE MSE C 16 -34.88 -6.59 -13.99
CE MSE C 16 -34.88 -7.30 -15.81
N LYS C 17 -34.82 -10.30 -10.57
CA LYS C 17 -33.69 -10.57 -9.67
C LYS C 17 -32.54 -9.60 -9.93
N ALA C 18 -31.72 -9.42 -8.91
CA ALA C 18 -30.50 -8.61 -9.08
C ALA C 18 -29.30 -9.47 -8.71
N MSE C 19 -28.19 -9.27 -9.40
CA MSE C 19 -26.93 -9.97 -9.05
C MSE C 19 -25.88 -8.93 -8.66
O MSE C 19 -25.59 -8.04 -9.48
CB MSE C 19 -26.43 -10.81 -10.22
CG MSE C 19 -25.15 -11.55 -9.93
SE MSE C 19 -24.82 -12.78 -11.39
CE MSE C 19 -23.05 -13.60 -11.10
N ILE C 20 -25.34 -9.04 -7.45
CA ILE C 20 -24.21 -8.15 -7.04
C ILE C 20 -22.90 -8.88 -7.38
N LEU C 21 -22.12 -8.34 -8.30
CA LEU C 21 -20.87 -8.96 -8.76
C LEU C 21 -19.95 -8.43 -7.67
N ALA C 22 -19.67 -9.30 -6.70
CA ALA C 22 -18.55 -9.17 -5.77
C ALA C 22 -17.46 -10.16 -6.17
N ALA C 23 -16.63 -10.57 -5.21
CA ALA C 23 -15.52 -11.55 -5.35
C ALA C 23 -14.24 -10.96 -5.94
N GLY C 24 -14.11 -9.63 -6.03
CA GLY C 24 -12.82 -9.04 -6.39
C GLY C 24 -11.92 -8.90 -5.17
N ARG C 25 -10.61 -9.03 -5.39
CA ARG C 25 -9.67 -9.03 -4.27
C ARG C 25 -9.59 -7.65 -3.60
N GLY C 26 -9.72 -6.58 -4.37
CA GLY C 26 -9.45 -5.26 -3.83
C GLY C 26 -7.99 -5.02 -3.51
N GLU C 27 -7.08 -5.44 -4.39
CA GLU C 27 -5.65 -5.30 -4.12
C GLU C 27 -5.23 -3.84 -4.01
N ARG C 28 -5.84 -2.95 -4.80
CA ARG C 28 -5.52 -1.54 -4.67
C ARG C 28 -6.04 -0.92 -3.38
N MSE C 29 -6.75 -1.69 -2.56
CA MSE C 29 -7.32 -1.16 -1.32
C MSE C 29 -6.72 -1.83 -0.08
O MSE C 29 -7.25 -1.70 1.03
CB MSE C 29 -8.85 -1.32 -1.31
CG MSE C 29 -9.59 -0.37 -2.26
SE MSE C 29 -11.22 0.36 -1.45
CE MSE C 29 -10.33 1.24 0.03
N ARG C 30 -5.57 -2.46 -0.26
CA ARG C 30 -4.87 -3.03 0.90
C ARG C 30 -4.12 -1.89 1.60
N PRO C 31 -3.91 -1.91 2.93
CA PRO C 31 -4.09 -3.12 3.73
C PRO C 31 -5.50 -3.47 4.24
N THR C 32 -6.48 -2.62 3.96
CA THR C 32 -7.85 -2.84 4.49
C THR C 32 -8.41 -4.20 4.04
N THR C 33 -8.26 -4.52 2.76
CA THR C 33 -8.85 -5.74 2.23
C THR C 33 -8.03 -6.99 2.55
N LEU C 34 -6.89 -6.86 3.25
CA LEU C 34 -6.31 -8.02 3.94
C LEU C 34 -7.23 -8.52 5.05
N HIS C 35 -7.99 -7.61 5.68
CA HIS C 35 -8.87 -7.92 6.80
C HIS C 35 -10.30 -8.21 6.39
N THR C 36 -10.90 -7.35 5.55
CA THR C 36 -12.31 -7.48 5.23
C THR C 36 -12.49 -7.27 3.73
N PRO C 37 -13.33 -8.08 3.08
CA PRO C 37 -13.55 -7.90 1.65
C PRO C 37 -14.19 -6.55 1.36
N LYS C 38 -13.96 -6.06 0.15
CA LYS C 38 -14.35 -4.69 -0.19
C LYS C 38 -15.85 -4.42 -0.01
N PRO C 39 -16.78 -5.31 -0.36
CA PRO C 39 -18.21 -4.99 -0.15
C PRO C 39 -18.60 -4.75 1.30
N LEU C 40 -17.77 -5.16 2.26
CA LEU C 40 -18.05 -4.97 3.68
C LEU C 40 -17.39 -3.72 4.23
N ILE C 41 -16.62 -3.00 3.42
CA ILE C 41 -16.03 -1.75 3.88
C ILE C 41 -17.14 -0.74 4.14
N GLU C 42 -17.10 -0.10 5.29
CA GLU C 42 -18.14 0.83 5.68
C GLU C 42 -18.00 2.15 4.93
N ALA C 43 -19.14 2.68 4.48
CA ALA C 43 -19.22 4.01 3.90
C ALA C 43 -20.30 4.77 4.65
N ALA C 44 -19.91 5.87 5.30
CA ALA C 44 -20.84 6.64 6.14
C ALA C 44 -21.50 5.75 7.19
N GLY C 45 -20.72 4.82 7.74
CA GLY C 45 -21.19 3.94 8.78
C GLY C 45 -21.95 2.71 8.32
N VAL C 46 -22.09 2.50 7.01
CA VAL C 46 -22.89 1.37 6.53
C VAL C 46 -22.10 0.63 5.44
N PRO C 47 -21.94 -0.68 5.55
CA PRO C 47 -21.14 -1.41 4.55
C PRO C 47 -21.68 -1.17 3.15
N LEU C 48 -20.77 -1.06 2.19
CA LEU C 48 -21.13 -0.74 0.81
C LEU C 48 -22.23 -1.65 0.28
N ILE C 49 -22.03 -2.98 0.36
CA ILE C 49 -22.99 -3.91 -0.21
C ILE C 49 -24.36 -3.78 0.47
N GLU C 50 -24.40 -3.46 1.76
CA GLU C 50 -25.69 -3.20 2.40
C GLU C 50 -26.38 -1.99 1.77
N ARG C 51 -25.63 -0.91 1.55
CA ARG C 51 -26.15 0.24 0.81
C ARG C 51 -26.66 -0.17 -0.57
N GLN C 52 -25.89 -1.01 -1.29
CA GLN C 52 -26.34 -1.47 -2.60
C GLN C 52 -27.65 -2.23 -2.52
N LEU C 53 -27.78 -3.13 -1.53
CA LEU C 53 -28.98 -3.96 -1.42
C LEU C 53 -30.18 -3.13 -0.97
N LEU C 54 -29.97 -2.17 -0.08
CA LEU C 54 -31.07 -1.28 0.30
C LEU C 54 -31.49 -0.38 -0.87
N ALA C 55 -30.56 -0.01 -1.76
CA ALA C 55 -30.94 0.76 -2.94
C ALA C 55 -31.74 -0.09 -3.91
N LEU C 56 -31.39 -1.37 -4.05
CA LEU C 56 -32.20 -2.28 -4.85
C LEU C 56 -33.56 -2.47 -4.23
N ARG C 57 -33.61 -2.54 -2.90
CA ARG C 57 -34.86 -2.78 -2.19
C ARG C 57 -35.88 -1.67 -2.44
N GLN C 58 -35.43 -0.39 -2.34
CA GLN C 58 -36.34 0.73 -2.62
C GLN C 58 -36.64 0.88 -4.10
N ALA C 59 -36.01 0.09 -4.96
CA ALA C 59 -36.40 -0.01 -6.36
C ALA C 59 -37.39 -1.14 -6.59
N GLY C 60 -37.75 -1.88 -5.55
CA GLY C 60 -38.66 -3.01 -5.70
C GLY C 60 -37.98 -4.36 -5.92
N VAL C 61 -36.66 -4.43 -5.80
CA VAL C 61 -35.90 -5.63 -6.13
C VAL C 61 -35.36 -6.23 -4.84
N ASP C 62 -35.99 -7.31 -4.36
CA ASP C 62 -35.63 -7.94 -3.10
C ASP C 62 -35.13 -9.37 -3.26
N ASP C 63 -34.85 -9.79 -4.49
CA ASP C 63 -34.41 -11.14 -4.81
C ASP C 63 -32.98 -11.06 -5.32
N TRP C 64 -32.03 -11.53 -4.51
CA TRP C 64 -30.63 -11.17 -4.70
C TRP C 64 -29.76 -12.41 -4.82
N VAL C 65 -28.78 -12.32 -5.70
CA VAL C 65 -27.75 -13.35 -5.89
C VAL C 65 -26.39 -12.68 -5.73
N ILE C 66 -25.55 -13.25 -4.87
CA ILE C 66 -24.28 -12.64 -4.52
C ILE C 66 -23.18 -13.69 -4.65
N ASN C 67 -22.20 -13.43 -5.49
CA ASN C 67 -21.05 -14.32 -5.60
C ASN C 67 -19.90 -13.77 -4.75
N HIS C 68 -19.02 -14.66 -4.31
CA HIS C 68 -17.88 -14.24 -3.50
C HIS C 68 -16.76 -15.24 -3.68
N ALA C 69 -15.54 -14.76 -3.41
CA ALA C 69 -14.32 -15.57 -3.42
C ALA C 69 -13.41 -15.11 -2.28
N TRP C 70 -12.99 -13.84 -2.32
CA TRP C 70 -12.04 -13.30 -1.35
C TRP C 70 -12.72 -13.04 -0.01
N LEU C 71 -12.30 -13.78 1.02
CA LEU C 71 -12.86 -13.67 2.36
C LEU C 71 -14.39 -13.76 2.33
N GLY C 72 -14.90 -14.65 1.47
CA GLY C 72 -16.33 -14.70 1.20
C GLY C 72 -17.18 -15.13 2.38
N GLU C 73 -16.61 -15.91 3.30
CA GLU C 73 -17.37 -16.33 4.48
C GLU C 73 -17.77 -15.15 5.34
N GLN C 74 -16.96 -14.09 5.35
CA GLN C 74 -17.35 -12.86 6.04
C GLN C 74 -18.62 -12.27 5.45
N ILE C 75 -18.80 -12.33 4.12
CA ILE C 75 -19.97 -11.75 3.49
C ILE C 75 -21.23 -12.51 3.93
N GLU C 76 -21.24 -13.82 3.71
CA GLU C 76 -22.37 -14.64 4.15
C GLU C 76 -22.65 -14.48 5.63
N ALA C 77 -21.61 -14.36 6.46
CA ALA C 77 -21.85 -14.17 7.89
C ALA C 77 -22.44 -12.79 8.18
N TYR C 78 -22.03 -11.76 7.43
CA TYR C 78 -22.63 -10.44 7.68
C TYR C 78 -24.05 -10.37 7.16
N LEU C 79 -24.27 -10.83 5.93
CA LEU C 79 -25.58 -10.67 5.31
C LEU C 79 -26.59 -11.75 5.68
N GLY C 80 -26.16 -12.95 6.06
CA GLY C 80 -27.14 -13.99 6.31
C GLY C 80 -27.88 -14.35 5.03
N ASP C 81 -29.16 -14.68 5.18
CA ASP C 81 -30.02 -14.94 4.03
C ASP C 81 -30.75 -13.69 3.53
N GLY C 82 -30.34 -12.50 3.96
CA GLY C 82 -30.95 -11.28 3.47
C GLY C 82 -32.19 -10.84 4.19
N SER C 83 -32.83 -11.72 4.98
CA SER C 83 -34.07 -11.37 5.65
C SER C 83 -33.90 -10.16 6.57
N ARG C 84 -32.74 -10.04 7.21
CA ARG C 84 -32.47 -8.86 8.04
C ARG C 84 -32.63 -7.57 7.24
N LEU C 85 -32.31 -7.59 5.95
CA LEU C 85 -32.55 -6.44 5.06
C LEU C 85 -33.84 -6.58 4.25
N GLY C 86 -34.66 -7.60 4.54
CA GLY C 86 -35.96 -7.74 3.90
C GLY C 86 -35.96 -8.34 2.52
N GLY C 87 -34.97 -9.15 2.17
CA GLY C 87 -34.92 -9.79 0.87
C GLY C 87 -34.49 -11.23 0.98
N ARG C 88 -34.17 -11.88 -0.15
CA ARG C 88 -33.65 -13.24 -0.14
C ARG C 88 -32.31 -13.23 -0.88
N ILE C 89 -31.31 -13.84 -0.28
CA ILE C 89 -29.97 -13.94 -0.85
C ILE C 89 -29.73 -15.41 -1.21
N ALA C 90 -29.33 -15.62 -2.44
CA ALA C 90 -28.84 -16.94 -2.85
C ALA C 90 -27.34 -16.73 -3.13
N TYR C 91 -26.48 -17.56 -2.56
CA TYR C 91 -25.02 -17.29 -2.68
C TYR C 91 -24.33 -18.13 -3.76
N SER C 92 -23.36 -17.54 -4.47
CA SER C 92 -22.52 -18.29 -5.44
C SER C 92 -21.06 -18.28 -4.98
N PRO C 93 -20.66 -19.23 -4.11
CA PRO C 93 -19.28 -19.31 -3.63
C PRO C 93 -18.26 -19.72 -4.70
N GLU C 94 -17.14 -18.98 -4.79
CA GLU C 94 -16.10 -19.34 -5.76
C GLU C 94 -14.84 -19.71 -5.01
N GLY C 95 -14.22 -20.82 -5.40
CA GLY C 95 -12.91 -21.15 -4.85
C GLY C 95 -11.90 -20.08 -5.20
N GLU C 96 -11.53 -20.04 -6.43
CA GLU C 96 -10.73 -19.04 -7.09
C GLU C 96 -11.62 -18.08 -7.86
N PRO C 97 -11.22 -16.81 -8.00
CA PRO C 97 -12.13 -15.83 -8.61
C PRO C 97 -12.41 -16.14 -10.06
N LEU C 98 -13.67 -16.16 -10.38
CA LEU C 98 -14.04 -16.08 -11.79
C LEU C 98 -13.91 -14.60 -12.14
N GLU C 99 -14.07 -14.27 -13.43
CA GLU C 99 -14.01 -12.86 -13.90
C GLU C 99 -15.43 -12.26 -13.88
N THR C 100 -15.56 -11.00 -14.30
CA THR C 100 -16.89 -10.33 -14.32
C THR C 100 -17.88 -11.20 -15.09
N GLY C 101 -17.48 -11.91 -15.98
CA GLY C 101 -18.32 -12.75 -16.81
C GLY C 101 -18.42 -14.19 -16.34
N GLY C 102 -17.31 -14.78 -15.88
CA GLY C 102 -17.36 -16.13 -15.34
C GLY C 102 -18.16 -16.21 -14.05
N GLY C 103 -18.06 -15.17 -13.20
CA GLY C 103 -18.84 -15.14 -11.98
C GLY C 103 -20.33 -15.14 -12.23
N ILE C 104 -20.79 -14.36 -13.22
CA ILE C 104 -22.21 -14.34 -13.61
C ILE C 104 -22.61 -15.68 -14.20
N PHE C 105 -21.81 -16.19 -15.15
CA PHE C 105 -22.15 -17.43 -15.83
C PHE C 105 -22.32 -18.55 -14.83
N ARG C 106 -21.40 -18.66 -13.85
CA ARG C 106 -21.52 -19.70 -12.84
C ARG C 106 -22.85 -19.59 -12.07
N ALA C 107 -23.32 -18.36 -11.84
CA ALA C 107 -24.54 -18.11 -11.06
C ALA C 107 -25.81 -18.14 -11.89
N LEU C 108 -25.72 -18.33 -13.20
CA LEU C 108 -26.90 -18.40 -14.06
C LEU C 108 -27.99 -19.34 -13.53
N PRO C 109 -27.69 -20.56 -13.03
CA PRO C 109 -28.78 -21.39 -12.47
C PRO C 109 -29.56 -20.71 -11.36
N LEU C 110 -28.90 -19.88 -10.55
CA LEU C 110 -29.61 -19.18 -9.49
C LEU C 110 -30.48 -18.05 -10.02
N LEU C 111 -30.20 -17.58 -11.24
CA LEU C 111 -30.86 -16.40 -11.78
C LEU C 111 -32.08 -16.74 -12.63
N GLY C 112 -32.05 -17.89 -13.29
CA GLY C 112 -33.16 -18.30 -14.12
C GLY C 112 -33.07 -17.75 -15.53
N GLU C 113 -34.20 -17.87 -16.24
CA GLU C 113 -34.31 -17.59 -17.66
C GLU C 113 -34.56 -16.12 -17.98
N GLN C 114 -35.03 -15.33 -17.02
CA GLN C 114 -35.44 -13.96 -17.24
C GLN C 114 -34.24 -13.01 -17.18
N PRO C 115 -34.32 -11.86 -17.87
CA PRO C 115 -33.33 -10.80 -17.65
C PRO C 115 -33.23 -10.41 -16.19
N PHE C 116 -32.02 -10.05 -15.76
CA PHE C 116 -31.75 -9.76 -14.37
C PHE C 116 -30.90 -8.50 -14.28
N LEU C 117 -30.99 -7.83 -13.14
CA LEU C 117 -30.14 -6.67 -12.91
C LEU C 117 -28.75 -7.12 -12.48
N LEU C 118 -27.76 -6.38 -12.95
CA LEU C 118 -26.36 -6.62 -12.62
C LEU C 118 -25.81 -5.38 -11.94
N LEU C 119 -25.21 -5.55 -10.79
CA LEU C 119 -24.52 -4.45 -10.14
C LEU C 119 -23.15 -4.92 -9.69
N ASN C 120 -22.11 -4.21 -10.12
CA ASN C 120 -20.78 -4.55 -9.66
C ASN C 120 -20.63 -4.17 -8.19
N GLY C 121 -20.03 -5.07 -7.43
CA GLY C 121 -19.82 -4.82 -6.01
C GLY C 121 -19.06 -3.54 -5.70
N ASP C 122 -18.25 -3.06 -6.65
CA ASP C 122 -17.40 -1.90 -6.45
C ASP C 122 -18.12 -0.55 -6.63
N VAL C 123 -19.42 -0.55 -6.89
CA VAL C 123 -20.09 0.62 -7.46
C VAL C 123 -21.02 1.24 -6.43
N TRP C 124 -20.91 2.55 -6.24
CA TRP C 124 -21.91 3.33 -5.54
C TRP C 124 -22.49 4.38 -6.48
N SER C 125 -23.81 4.54 -6.47
CA SER C 125 -24.46 5.56 -7.28
C SER C 125 -25.74 6.00 -6.59
N ASP C 126 -26.30 7.11 -7.09
CA ASP C 126 -27.66 7.51 -6.75
C ASP C 126 -28.64 7.21 -7.88
N PHE C 127 -28.28 6.29 -8.77
CA PHE C 127 -29.08 5.97 -9.95
C PHE C 127 -30.36 5.25 -9.53
N ASP C 128 -31.45 5.56 -10.25
CA ASP C 128 -32.79 5.05 -9.99
C ASP C 128 -32.90 3.70 -10.68
N TYR C 129 -32.60 2.64 -9.92
CA TYR C 129 -32.57 1.29 -10.47
C TYR C 129 -33.91 0.88 -11.06
N SER C 130 -35.01 1.44 -10.57
CA SER C 130 -36.33 1.05 -11.07
C SER C 130 -36.53 1.42 -12.55
N ARG C 131 -35.76 2.37 -13.10
CA ARG C 131 -35.88 2.71 -14.52
C ARG C 131 -35.41 1.59 -15.44
N LEU C 132 -34.54 0.72 -14.96
CA LEU C 132 -33.84 -0.23 -15.82
C LEU C 132 -34.84 -1.14 -16.52
N HIS C 133 -34.64 -1.32 -17.82
CA HIS C 133 -35.57 -2.09 -18.64
C HIS C 133 -34.85 -2.60 -19.89
N LEU C 134 -35.03 -3.87 -20.19
CA LEU C 134 -34.43 -4.48 -21.36
C LEU C 134 -35.50 -4.66 -22.43
N ALA C 135 -35.35 -3.96 -23.55
CA ALA C 135 -36.29 -4.12 -24.64
C ALA C 135 -36.20 -5.53 -25.21
N ASP C 136 -37.32 -6.00 -25.77
CA ASP C 136 -37.35 -7.30 -26.41
C ASP C 136 -36.46 -7.29 -27.66
N GLY C 137 -35.55 -8.26 -27.75
CA GLY C 137 -34.58 -8.34 -28.82
C GLY C 137 -33.17 -7.95 -28.41
N ASP C 138 -33.03 -7.05 -27.43
CA ASP C 138 -31.71 -6.67 -26.93
C ASP C 138 -31.22 -7.70 -25.91
N LEU C 139 -29.89 -7.82 -25.83
CA LEU C 139 -29.26 -8.75 -24.91
C LEU C 139 -28.75 -8.08 -23.66
N ALA C 140 -28.56 -6.75 -23.70
CA ALA C 140 -27.96 -6.03 -22.60
C ALA C 140 -28.38 -4.58 -22.68
N HIS C 141 -28.65 -3.99 -21.54
CA HIS C 141 -28.89 -2.56 -21.41
C HIS C 141 -27.91 -2.03 -20.38
N LEU C 142 -27.12 -1.04 -20.79
CA LEU C 142 -25.97 -0.58 -20.01
C LEU C 142 -26.22 0.83 -19.45
N VAL C 143 -25.87 1.04 -18.18
CA VAL C 143 -25.84 2.40 -17.64
C VAL C 143 -24.42 2.94 -17.83
N LEU C 144 -24.31 4.07 -18.51
CA LEU C 144 -23.03 4.71 -18.81
C LEU C 144 -22.90 6.02 -18.04
N VAL C 145 -21.67 6.40 -17.71
CA VAL C 145 -21.42 7.62 -16.94
C VAL C 145 -20.35 8.44 -17.62
N ASP C 146 -20.27 9.71 -17.23
CA ASP C 146 -19.13 10.54 -17.62
C ASP C 146 -17.84 9.81 -17.31
N ASN C 147 -16.86 9.95 -18.17
CA ASN C 147 -15.59 9.31 -17.93
C ASN C 147 -14.92 9.94 -16.72
N PRO C 148 -14.50 9.14 -15.74
CA PRO C 148 -13.78 9.70 -14.60
C PRO C 148 -12.38 10.17 -15.02
N ALA C 149 -11.79 11.02 -14.19
CA ALA C 149 -10.49 11.59 -14.51
C ALA C 149 -9.40 10.53 -14.62
N HIS C 150 -9.52 9.42 -13.89
CA HIS C 150 -8.52 8.36 -13.93
C HIS C 150 -8.70 7.42 -15.11
N HIS C 151 -9.77 7.59 -15.90
CA HIS C 151 -10.01 6.76 -17.07
C HIS C 151 -10.73 7.63 -18.10
N PRO C 152 -10.12 8.74 -18.53
CA PRO C 152 -10.89 9.73 -19.32
C PRO C 152 -11.22 9.30 -20.73
N ALA C 153 -10.79 8.11 -21.15
CA ALA C 153 -10.99 7.70 -22.55
C ALA C 153 -12.37 7.13 -22.80
N GLY C 154 -13.01 6.53 -21.80
CA GLY C 154 -14.31 5.92 -22.02
C GLY C 154 -14.21 4.47 -22.49
N ASP C 155 -15.34 3.77 -22.34
CA ASP C 155 -15.46 2.37 -22.72
C ASP C 155 -16.29 2.15 -23.98
N PHE C 156 -17.33 2.96 -24.20
CA PHE C 156 -18.32 2.74 -25.23
C PHE C 156 -18.88 4.07 -25.70
N HIS C 157 -19.41 4.07 -26.91
CA HIS C 157 -20.15 5.19 -27.45
C HIS C 157 -21.64 4.96 -27.27
N LEU C 158 -22.37 6.05 -27.04
CA LEU C 158 -23.81 5.99 -26.89
C LEU C 158 -24.42 7.02 -27.83
N ASP C 159 -25.24 6.56 -28.76
CA ASP C 159 -25.83 7.45 -29.76
C ASP C 159 -27.15 8.03 -29.26
N ALA C 160 -27.77 8.87 -30.09
CA ALA C 160 -29.02 9.52 -29.70
C ALA C 160 -30.16 8.52 -29.54
N GLY C 161 -30.13 7.43 -30.29
CA GLY C 161 -31.15 6.42 -30.11
C GLY C 161 -30.92 5.46 -28.97
N GLY C 162 -30.00 5.79 -28.07
CA GLY C 162 -29.70 4.95 -26.93
C GLY C 162 -29.08 3.62 -27.28
N ARG C 163 -28.34 3.55 -28.39
CA ARG C 163 -27.70 2.32 -28.84
C ARG C 163 -26.21 2.39 -28.47
N VAL C 164 -25.69 1.33 -27.90
CA VAL C 164 -24.29 1.29 -27.48
C VAL C 164 -23.44 0.76 -28.62
N GLY C 165 -22.38 1.50 -28.95
CA GLY C 165 -21.40 1.07 -29.91
C GLY C 165 -20.02 1.11 -29.29
N GLU C 166 -19.05 0.64 -30.07
CA GLU C 166 -17.66 0.81 -29.68
C GLU C 166 -17.27 2.28 -29.81
N THR C 167 -16.28 2.70 -29.01
CA THR C 167 -15.85 4.10 -28.94
C THR C 167 -15.59 4.68 -30.32
N ARG C 168 -15.99 5.93 -30.45
CA ARG C 168 -15.84 6.74 -31.67
C ARG C 168 -14.63 7.67 -31.52
N GLU C 169 -14.25 8.34 -32.61
CA GLU C 169 -13.08 9.25 -32.58
C GLU C 169 -13.20 10.18 -31.37
N ALA C 170 -14.26 11.00 -31.34
CA ALA C 170 -14.41 11.97 -30.23
C ALA C 170 -15.87 12.47 -30.15
N GLY C 171 -16.42 12.53 -28.93
CA GLY C 171 -17.78 13.05 -28.73
C GLY C 171 -18.78 11.93 -28.62
N GLY C 172 -19.32 11.71 -27.41
CA GLY C 172 -20.28 10.62 -27.18
C GLY C 172 -19.79 9.41 -26.42
N ASN C 173 -18.50 9.33 -26.10
CA ASN C 173 -17.99 8.14 -25.43
C ASN C 173 -18.14 8.28 -23.93
N LEU C 174 -18.58 7.20 -23.30
CA LEU C 174 -18.87 7.21 -21.88
C LEU C 174 -18.27 5.97 -21.23
N THR C 175 -18.35 5.94 -19.90
CA THR C 175 -17.75 4.87 -19.11
C THR C 175 -18.84 3.91 -18.65
N TYR C 176 -18.59 2.61 -18.82
CA TYR C 176 -19.48 1.60 -18.24
C TYR C 176 -19.49 1.75 -16.71
N SER C 177 -20.68 1.89 -16.14
CA SER C 177 -20.83 2.16 -14.72
C SER C 177 -20.83 0.92 -13.85
N GLY C 178 -20.97 -0.26 -14.45
CA GLY C 178 -21.13 -1.47 -13.67
C GLY C 178 -22.56 -1.85 -13.37
N ILE C 179 -23.53 -1.10 -13.88
CA ILE C 179 -24.96 -1.36 -13.72
C ILE C 179 -25.53 -1.73 -15.08
N ALA C 180 -26.30 -2.81 -15.12
CA ALA C 180 -26.86 -3.27 -16.38
C ALA C 180 -28.08 -4.14 -16.12
N VAL C 181 -28.90 -4.29 -17.16
CA VAL C 181 -29.85 -5.42 -17.28
C VAL C 181 -29.27 -6.38 -18.29
N LEU C 182 -29.08 -7.64 -17.88
CA LEU C 182 -28.51 -8.65 -18.75
C LEU C 182 -29.53 -9.74 -19.03
N HIS C 183 -29.55 -10.19 -20.28
CA HIS C 183 -30.32 -11.37 -20.68
C HIS C 183 -29.43 -12.60 -20.64
N PRO C 184 -29.90 -13.71 -20.07
CA PRO C 184 -29.06 -14.91 -19.99
C PRO C 184 -28.54 -15.39 -21.34
N ALA C 185 -29.32 -15.23 -22.42
CA ALA C 185 -28.87 -15.64 -23.75
C ALA C 185 -27.57 -14.97 -24.17
N LEU C 186 -27.19 -13.84 -23.53
CA LEU C 186 -25.87 -13.25 -23.77
C LEU C 186 -24.75 -14.27 -23.57
N PHE C 187 -24.99 -15.29 -22.74
CA PHE C 187 -23.99 -16.26 -22.34
C PHE C 187 -24.07 -17.56 -23.15
N GLU C 188 -24.82 -17.58 -24.24
CA GLU C 188 -24.93 -18.80 -25.04
C GLU C 188 -23.54 -19.19 -25.58
N GLY C 189 -23.20 -20.46 -25.40
CA GLY C 189 -21.92 -20.98 -25.83
C GLY C 189 -20.76 -20.77 -24.86
N CYS C 190 -21.01 -20.17 -23.70
CA CYS C 190 -19.90 -19.90 -22.81
C CYS C 190 -19.41 -21.20 -22.16
N GLN C 191 -18.16 -21.15 -21.69
CA GLN C 191 -17.49 -22.27 -21.06
C GLN C 191 -17.25 -21.99 -19.58
N PRO C 192 -17.38 -22.99 -18.71
CA PRO C 192 -17.24 -22.77 -17.27
C PRO C 192 -15.82 -22.43 -16.84
N GLY C 193 -15.56 -21.16 -16.57
CA GLY C 193 -14.26 -20.77 -16.07
C GLY C 193 -14.23 -19.29 -15.80
N ALA C 194 -13.03 -18.76 -15.64
CA ALA C 194 -12.88 -17.33 -15.45
C ALA C 194 -12.82 -16.65 -16.81
N PHE C 195 -13.61 -15.61 -16.97
CA PHE C 195 -13.54 -14.72 -18.14
C PHE C 195 -14.22 -13.42 -17.77
N LYS C 196 -13.90 -12.36 -18.51
CA LYS C 196 -14.41 -11.02 -18.25
C LYS C 196 -15.70 -10.78 -19.00
N LEU C 197 -16.52 -9.87 -18.45
CA LEU C 197 -17.80 -9.56 -19.06
C LEU C 197 -17.66 -8.76 -20.34
N ALA C 198 -16.65 -7.88 -20.41
CA ALA C 198 -16.57 -6.93 -21.51
C ALA C 198 -16.49 -7.57 -22.89
N PRO C 199 -15.70 -8.65 -23.14
CA PRO C 199 -15.70 -9.22 -24.49
C PRO C 199 -17.04 -9.78 -24.91
N LEU C 200 -17.85 -10.26 -23.97
CA LEU C 200 -19.21 -10.69 -24.32
C LEU C 200 -20.09 -9.50 -24.68
N LEU C 201 -19.94 -8.39 -23.96
CA LEU C 201 -20.69 -7.20 -24.31
C LEU C 201 -20.21 -6.65 -25.66
N ARG C 202 -18.90 -6.72 -25.92
CA ARG C 202 -18.39 -6.26 -27.20
C ARG C 202 -18.93 -7.09 -28.34
N LYS C 203 -19.13 -8.40 -28.11
CA LYS C 203 -19.74 -9.26 -29.13
C LYS C 203 -21.21 -8.92 -29.34
N ALA C 204 -21.95 -8.65 -28.25
CA ALA C 204 -23.34 -8.22 -28.43
C ALA C 204 -23.42 -6.82 -29.03
N ILE C 205 -22.44 -5.95 -28.72
CA ILE C 205 -22.38 -4.62 -29.33
C ILE C 205 -22.12 -4.70 -30.83
N ALA C 206 -21.11 -5.50 -31.23
CA ALA C 206 -20.85 -5.70 -32.66
C ALA C 206 -22.10 -6.16 -33.40
N ALA C 207 -22.89 -7.04 -32.78
CA ALA C 207 -24.13 -7.52 -33.38
C ALA C 207 -25.29 -6.55 -33.20
N GLY C 208 -25.07 -5.37 -32.63
CA GLY C 208 -26.13 -4.37 -32.48
C GLY C 208 -27.28 -4.69 -31.54
N ARG C 209 -27.02 -5.38 -30.43
CA ARG C 209 -28.11 -5.79 -29.55
C ARG C 209 -27.92 -5.27 -28.12
N VAL C 210 -27.33 -4.09 -27.98
CA VAL C 210 -27.06 -3.48 -26.69
C VAL C 210 -27.58 -2.04 -26.72
N SER C 211 -28.55 -1.76 -25.84
CA SER C 211 -29.05 -0.42 -25.55
C SER C 211 -28.33 0.14 -24.33
N GLY C 212 -28.44 1.45 -24.14
CA GLY C 212 -27.78 2.08 -23.01
C GLY C 212 -28.45 3.38 -22.63
N GLU C 213 -28.04 3.93 -21.48
CA GLU C 213 -28.47 5.24 -21.06
C GLU C 213 -27.34 5.95 -20.34
N HIS C 214 -27.41 7.28 -20.35
CA HIS C 214 -26.41 8.14 -19.71
C HIS C 214 -26.91 8.53 -18.33
N HIS C 215 -26.29 8.01 -17.28
CA HIS C 215 -26.57 8.47 -15.93
C HIS C 215 -25.81 9.77 -15.69
N ARG C 216 -26.56 10.82 -15.32
CA ARG C 216 -25.99 12.14 -15.09
C ARG C 216 -25.77 12.44 -13.60
N GLY C 217 -26.36 11.66 -12.70
CA GLY C 217 -26.16 11.86 -11.28
C GLY C 217 -24.88 11.20 -10.77
N GLN C 218 -24.74 11.11 -9.46
CA GLN C 218 -23.53 10.58 -8.88
C GLN C 218 -23.20 9.10 -9.02
N TRP C 219 -21.91 8.82 -9.18
CA TRP C 219 -21.42 7.47 -9.39
C TRP C 219 -19.94 7.46 -8.99
N VAL C 220 -19.53 6.45 -8.23
CA VAL C 220 -18.11 6.28 -7.92
C VAL C 220 -17.78 4.80 -8.06
N ASP C 221 -16.68 4.52 -8.74
CA ASP C 221 -16.03 3.21 -8.73
C ASP C 221 -15.15 3.14 -7.48
N VAL C 222 -15.58 2.40 -6.47
CA VAL C 222 -14.89 2.41 -5.17
C VAL C 222 -13.78 1.37 -5.27
N GLY C 223 -12.70 1.76 -5.95
CA GLY C 223 -11.57 0.89 -6.17
C GLY C 223 -10.36 1.27 -5.36
N THR C 224 -10.33 2.50 -4.82
CA THR C 224 -9.21 2.95 -4.02
C THR C 224 -9.70 3.68 -2.78
N HIS C 225 -8.78 3.87 -1.83
CA HIS C 225 -9.09 4.66 -0.64
C HIS C 225 -9.59 6.06 -0.99
N GLU C 226 -8.93 6.72 -1.96
CA GLU C 226 -9.37 8.04 -2.40
C GLU C 226 -10.82 8.01 -2.90
N ARG C 227 -11.17 6.99 -3.69
CA ARG C 227 -12.54 6.87 -4.18
C ARG C 227 -13.51 6.63 -3.03
N LEU C 228 -13.12 5.82 -2.05
CA LEU C 228 -13.97 5.67 -0.86
C LEU C 228 -14.20 7.01 -0.17
N ALA C 229 -13.17 7.86 -0.10
CA ALA C 229 -13.35 9.19 0.49
C ALA C 229 -14.37 10.01 -0.30
N GLU C 230 -14.27 10.00 -1.63
CA GLU C 230 -15.24 10.71 -2.46
C GLU C 230 -16.66 10.23 -2.20
N VAL C 231 -16.85 8.92 -2.00
CA VAL C 231 -18.17 8.41 -1.69
C VAL C 231 -18.65 8.99 -0.37
N GLU C 232 -17.80 8.93 0.65
CA GLU C 232 -18.21 9.35 1.98
C GLU C 232 -18.38 10.86 2.07
N ARG C 233 -17.73 11.61 1.18
CA ARG C 233 -18.05 13.03 1.04
C ARG C 233 -19.42 13.21 0.40
N LEU C 234 -19.77 12.37 -0.57
CA LEU C 234 -21.06 12.49 -1.23
C LEU C 234 -22.20 12.07 -0.30
N LEU C 235 -21.99 11.04 0.50
CA LEU C 235 -23.01 10.63 1.46
C LEU C 235 -23.19 11.68 2.55
N ALA C 236 -22.13 12.45 2.85
CA ALA C 236 -22.18 13.54 3.83
C ALA C 236 -22.64 14.86 3.23
N GLU C 237 -23.45 14.83 2.19
CA GLU C 237 -24.00 16.09 1.72
C GLU C 237 -25.33 16.40 2.41
N HIS C 238 -26.26 15.44 2.38
CA HIS C 238 -27.62 15.70 2.84
C HIS C 238 -28.08 14.65 3.85
S SO4 D . -0.28 17.04 6.77
O1 SO4 D . 0.08 17.83 7.95
O2 SO4 D . -1.53 17.54 6.21
O3 SO4 D . -0.45 15.64 7.14
O4 SO4 D . 0.78 17.15 5.79
N1 EPE E . -3.73 -4.83 12.61
C2 EPE E . -4.62 -4.75 13.77
C3 EPE E . -5.33 -6.07 14.01
N4 EPE E . -4.44 -7.21 13.78
C5 EPE E . -4.02 -7.24 12.38
C6 EPE E . -4.22 -5.89 11.73
C7 EPE E . -5.09 -8.48 14.12
C8 EPE E . -4.19 -9.48 14.79
O8 EPE E . -4.89 -10.64 15.20
C9 EPE E . -3.62 -3.54 11.90
C10 EPE E . -4.01 -3.64 10.44
S EPE E . -3.15 -2.53 9.36
O1S EPE E . -2.82 -1.37 10.15
O2S EPE E . -4.19 -2.16 8.31
O3S EPE E . -2.08 -3.28 8.77
S SO4 F . 6.84 -4.64 10.94
O1 SO4 F . 6.88 -3.40 11.71
O2 SO4 F . 5.47 -5.13 10.80
O3 SO4 F . 7.65 -5.65 11.62
O4 SO4 F . 7.39 -4.36 9.60
S SO4 G . -8.01 -4.65 -7.71
O1 SO4 G . -9.44 -4.69 -8.02
O2 SO4 G . -7.74 -3.49 -6.86
O3 SO4 G . -7.22 -4.53 -8.94
O4 SO4 G . -7.64 -5.90 -7.02
#